data_4TVD
#
_entry.id   4TVD
#
_cell.length_a   67.770
_cell.length_b   98.980
_cell.length_c   181.910
_cell.angle_alpha   90.00
_cell.angle_beta   90.00
_cell.angle_gamma   90.00
#
_symmetry.space_group_name_H-M   'P 21 21 21'
#
loop_
_entity.id
_entity.type
_entity.pdbx_description
1 polymer Dextransucrase
2 non-polymer 'CALCIUM ION'
3 non-polymer beta-D-glucopyranose
4 non-polymer alpha-D-glucopyranose
5 non-polymer DI(HYDROXYETHYL)ETHER
6 water water
#
_entity_poly.entity_id   1
_entity_poly.type   'polypeptide(L)'
_entity_poly.pdbx_seq_one_letter_code
;AQAGHYITKNGNDWQYDTNGELAKGLRQDSNGKLRYFDLTTGIQAKGQFVTIGQETYYFSKDHGDAQLLPMVTEGHYGTI
TLKQGQDTKTAWVYRDQNNTILKGLQNINGTLQFFDPYTGEQLKGGVAKYDDKLFYFESGKGNLVSTVAGDYQDGHYISQ
DGQTRYADKQNQLVKGLVTVNGALQYFDNATGNQIKNQQVIVDGKTYYFDDKGNGEYLFTNTLDMSTNAFSTKNVAFNHD
SSSFDHTVDGFLTADTWYRPKSILANGTTWRDSTDKDMRPLITVWWPNKNVQVNYLNFMKANGLLTTAAQYTLHSDQ
(TYI)DLNQAAQDVQVAIERRIASEHGTDWLQKLLFESQNNNPSFVKQQFIWNKDSEYHGGGDAWFQGGYLKYGNNPLTP
TTNSDYRQPGNAFDFLLANDVDNSNPVVQAENLNWLHYLMNFGTITAGQDDANFDSIRIDAVDFIHNDTIQRTYDYLRDA
YQVQQSEAKANQHISLVEAGLDAGTSTIHNDALIESNLREAATLSLTNEPGKNKPLTNMLQDVDGGTLITDHTQNSTENQ
ATPNYSIIHAHDKGVQEKVGAAITDATGADWTNFTDEQLKAGLELFYKDQRATNKKYNSYNIPSIYALMLTNKDTVPRMY
YGDMYQDDGQYMANKSIYYDALVSLMTARKSYVSGGQTMSVDNHGLLKSVRFGKDAMTANDLGTSATRTEGLGVIIGNDP
KLQLNDSDKVTLDMGAAHKNQKYRAVILTTRDGLATFNSDQAPTAWTNDQGTLTFSNQEINGQDNTQIRGVANPQVSGYL
AVWVPVGASDNQDARTAATTTENHDGKVLHSNAALDSNLIYEGFSNFQPKATTHDELTNVVIAKNADVFNNWGITSFEMA
PQYRSSGDHTFLDSTIDNGYAFTDRYDLGFNTPTKYGTDGDLRATIQALHHANMQVMADVVDNQVYNLPGKEVVSATRAG
V(IYR)GNDDATGFGTQLYVTNSVGGGQYQEKYAGQYLEALKAKYPDLFEGKAYDYW(IYR)KN(IYR)ANDGSNPYYTL
SHGDRESIPADVAIKQWSAKYMNGTNVLGNGMGYVLKDWHNGQYFKLDGDKSTLPQIKGELKLEGKPIPNPLLGLDSTRT
GHHHHHH
;
_entity_poly.pdbx_strand_id   A
#
loop_
_chem_comp.id
_chem_comp.type
_chem_comp.name
_chem_comp.formula
BGC D-saccharide, beta linking beta-D-glucopyranose 'C6 H12 O6'
CA non-polymer 'CALCIUM ION' 'Ca 2'
GLC D-saccharide, alpha linking alpha-D-glucopyranose 'C6 H12 O6'
PEG non-polymer DI(HYDROXYETHYL)ETHER 'C4 H10 O3'
#
# COMPACT_ATOMS: atom_id res chain seq x y z
N GLY A 25 -54.70 -15.22 -2.96
CA GLY A 25 -53.94 -13.93 -2.77
C GLY A 25 -54.53 -12.98 -1.72
N LEU A 26 -55.16 -11.91 -2.20
CA LEU A 26 -55.92 -11.01 -1.36
C LEU A 26 -57.39 -11.50 -1.19
N ARG A 27 -57.78 -11.82 0.05
CA ARG A 27 -59.12 -12.35 0.36
C ARG A 27 -59.88 -11.42 1.35
N GLN A 28 -61.21 -11.39 1.26
CA GLN A 28 -62.08 -10.82 2.32
C GLN A 28 -62.65 -11.90 3.23
N ASP A 29 -62.77 -11.60 4.52
CA ASP A 29 -63.37 -12.51 5.48
C ASP A 29 -64.87 -12.18 5.63
N SER A 30 -65.57 -12.89 6.51
CA SER A 30 -67.01 -12.65 6.73
C SER A 30 -67.37 -11.27 7.33
N ASN A 31 -66.39 -10.60 7.95
CA ASN A 31 -66.54 -9.19 8.41
C ASN A 31 -66.18 -8.14 7.35
N GLY A 32 -65.89 -8.54 6.11
CA GLY A 32 -65.45 -7.61 5.06
C GLY A 32 -63.99 -7.14 5.09
N LYS A 33 -63.26 -7.45 6.17
CA LYS A 33 -61.84 -7.09 6.27
C LYS A 33 -60.95 -7.93 5.35
N LEU A 34 -59.86 -7.32 4.88
CA LEU A 34 -58.97 -7.95 3.90
C LEU A 34 -57.87 -8.72 4.60
N ARG A 35 -57.51 -9.85 4.04
CA ARG A 35 -56.44 -10.66 4.59
C ARG A 35 -55.62 -11.14 3.39
N TYR A 36 -54.36 -11.52 3.61
CA TYR A 36 -53.52 -11.92 2.48
C TYR A 36 -52.91 -13.31 2.68
N PHE A 37 -52.93 -14.09 1.61
CA PHE A 37 -52.39 -15.45 1.61
C PHE A 37 -51.36 -15.55 0.50
N ASP A 38 -50.19 -16.06 0.82
CA ASP A 38 -49.08 -16.07 -0.11
C ASP A 38 -49.43 -16.85 -1.36
N LEU A 39 -49.15 -16.26 -2.52
CA LEU A 39 -49.50 -16.89 -3.80
C LEU A 39 -48.82 -18.23 -4.03
N THR A 40 -47.56 -18.33 -3.66
CA THR A 40 -46.86 -19.59 -3.84
C THR A 40 -47.26 -20.58 -2.78
N THR A 41 -47.08 -20.21 -1.51
CA THR A 41 -47.23 -21.17 -0.40
C THR A 41 -48.62 -21.31 0.22
N GLY A 42 -49.46 -20.29 0.11
CA GLY A 42 -50.77 -20.27 0.79
C GLY A 42 -50.77 -19.72 2.21
N ILE A 43 -49.59 -19.50 2.77
CA ILE A 43 -49.50 -19.12 4.17
C ILE A 43 -50.06 -17.71 4.30
N GLN A 44 -50.74 -17.48 5.41
CA GLN A 44 -51.36 -16.18 5.65
C GLN A 44 -50.28 -15.20 6.08
N ALA A 45 -50.34 -13.99 5.54
CA ALA A 45 -49.46 -12.92 5.99
C ALA A 45 -49.99 -12.32 7.28
N LYS A 46 -49.20 -12.38 8.34
CA LYS A 46 -49.54 -11.73 9.58
C LYS A 46 -48.32 -10.98 10.07
N GLY A 47 -48.51 -9.74 10.49
CA GLY A 47 -47.44 -8.91 11.00
C GLY A 47 -46.39 -8.67 9.93
N GLN A 48 -46.82 -8.52 8.67
CA GLN A 48 -45.88 -8.21 7.62
C GLN A 48 -46.47 -7.36 6.50
N PHE A 49 -45.59 -6.80 5.70
CA PHE A 49 -45.98 -5.90 4.64
C PHE A 49 -46.03 -6.62 3.33
N VAL A 50 -46.97 -6.22 2.47
CA VAL A 50 -47.03 -6.78 1.13
C VAL A 50 -47.40 -5.70 0.13
N THR A 51 -46.76 -5.73 -1.01
CA THR A 51 -47.10 -4.87 -2.11
C THR A 51 -47.96 -5.57 -3.13
N ILE A 52 -49.14 -5.04 -3.32
CA ILE A 52 -50.08 -5.65 -4.21
C ILE A 52 -50.53 -4.69 -5.24
N GLY A 53 -50.58 -5.13 -6.48
CA GLY A 53 -50.51 -4.21 -7.57
C GLY A 53 -49.60 -3.06 -7.26
N GLN A 54 -50.16 -1.91 -6.95
CA GLN A 54 -49.36 -0.74 -6.74
C GLN A 54 -49.47 -0.24 -5.33
N GLU A 55 -50.23 -0.95 -4.52
CA GLU A 55 -50.46 -0.51 -3.18
C GLU A 55 -49.57 -1.30 -2.27
N THR A 56 -49.14 -0.68 -1.20
CA THR A 56 -48.47 -1.40 -0.12
C THR A 56 -49.34 -1.46 1.14
N TYR A 57 -49.58 -2.68 1.58
CA TYR A 57 -50.43 -2.94 2.72
C TYR A 57 -49.62 -3.44 3.90
N TYR A 58 -50.10 -3.15 5.10
CA TYR A 58 -49.60 -3.86 6.25
C TYR A 58 -50.73 -4.78 6.78
N PHE A 59 -50.34 -5.98 7.19
CA PHE A 59 -51.26 -6.91 7.80
C PHE A 59 -50.91 -7.13 9.27
N SER A 60 -51.89 -6.86 10.14
CA SER A 60 -51.72 -6.91 11.59
C SER A 60 -51.21 -8.29 12.01
N LYS A 61 -50.42 -8.32 13.09
CA LYS A 61 -49.85 -9.56 13.61
C LYS A 61 -50.86 -10.43 14.38
N ASP A 62 -51.82 -9.78 15.05
CA ASP A 62 -52.93 -10.46 15.67
C ASP A 62 -53.84 -11.10 14.59
N HIS A 63 -54.82 -10.37 14.06
CA HIS A 63 -55.83 -10.99 13.15
C HIS A 63 -55.47 -11.00 11.66
N GLY A 64 -54.36 -10.37 11.28
CA GLY A 64 -53.92 -10.36 9.88
C GLY A 64 -54.74 -9.40 9.02
N ASP A 65 -55.27 -8.32 9.65
CA ASP A 65 -56.12 -7.30 8.97
C ASP A 65 -55.37 -6.23 8.15
N ALA A 66 -55.85 -5.95 6.94
CA ALA A 66 -55.14 -5.07 6.03
C ALA A 66 -55.15 -3.63 6.45
N GLN A 67 -54.08 -2.93 6.13
CA GLN A 67 -53.99 -1.48 6.34
C GLN A 67 -53.17 -0.83 5.21
N LEU A 68 -53.84 0.01 4.43
CA LEU A 68 -53.20 0.73 3.32
C LEU A 68 -52.18 1.76 3.79
N LEU A 69 -50.97 1.64 3.29
CA LEU A 69 -50.00 2.68 3.52
C LEU A 69 -50.09 3.52 2.27
N PRO A 70 -50.55 4.76 2.44
CA PRO A 70 -50.64 5.64 1.28
C PRO A 70 -49.26 5.98 0.67
N MET A 71 -49.10 5.88 -0.65
CA MET A 71 -47.83 6.20 -1.30
C MET A 71 -47.54 7.67 -1.15
N VAL A 72 -46.32 7.99 -0.79
CA VAL A 72 -45.85 9.35 -0.79
C VAL A 72 -44.97 9.44 -2.02
N THR A 73 -45.31 10.35 -2.93
CA THR A 73 -44.60 10.54 -4.18
C THR A 73 -43.83 11.86 -4.24
N GLU A 74 -44.53 12.97 -3.96
CA GLU A 74 -43.96 14.30 -4.13
C GLU A 74 -43.54 14.92 -2.81
N GLY A 75 -42.32 15.46 -2.80
CA GLY A 75 -41.62 15.86 -1.57
C GLY A 75 -40.13 15.65 -1.74
N HIS A 76 -39.36 15.95 -0.69
CA HIS A 76 -37.90 15.86 -0.82
C HIS A 76 -37.22 15.54 0.50
N TYR A 77 -35.97 15.08 0.38
CA TYR A 77 -35.08 14.84 1.52
C TYR A 77 -34.25 16.09 1.81
N GLY A 78 -33.99 16.35 3.09
CA GLY A 78 -33.11 17.45 3.50
C GLY A 78 -32.63 17.35 4.93
N THR A 79 -32.72 18.46 5.67
CA THR A 79 -32.37 18.49 7.08
C THR A 79 -32.89 19.72 7.84
N TRP A 92 -31.02 14.17 8.67
CA TRP A 92 -31.79 13.89 7.46
C TRP A 92 -33.25 13.72 7.84
N VAL A 93 -34.15 14.39 7.11
CA VAL A 93 -35.61 14.25 7.28
C VAL A 93 -36.30 14.22 5.93
N TYR A 94 -37.60 13.92 5.87
CA TYR A 94 -38.34 13.97 4.60
C TYR A 94 -39.58 14.84 4.70
N ARG A 95 -39.70 15.79 3.77
CA ARG A 95 -40.84 16.70 3.75
C ARG A 95 -41.77 16.40 2.58
N ASP A 96 -43.02 16.82 2.71
CA ASP A 96 -44.01 16.59 1.65
C ASP A 96 -44.18 17.83 0.78
N GLN A 97 -45.05 17.72 -0.23
CA GLN A 97 -45.30 18.83 -1.14
C GLN A 97 -45.69 20.09 -0.38
N ASN A 98 -45.95 19.94 0.91
CA ASN A 98 -46.34 21.07 1.75
C ASN A 98 -45.21 21.51 2.68
N ASN A 99 -43.98 21.19 2.31
CA ASN A 99 -42.82 21.56 3.11
C ASN A 99 -42.97 21.13 4.57
N THR A 100 -43.63 20.00 4.78
CA THR A 100 -43.84 19.48 6.13
C THR A 100 -43.03 18.21 6.37
N ILE A 101 -42.37 18.14 7.52
CA ILE A 101 -41.56 16.98 7.86
C ILE A 101 -42.43 15.81 8.29
N LEU A 102 -42.19 14.65 7.69
CA LEU A 102 -42.96 13.45 8.00
C LEU A 102 -42.35 12.67 9.15
N LYS A 103 -43.22 11.90 9.81
CA LYS A 103 -42.92 11.22 11.06
C LYS A 103 -43.57 9.84 11.09
N GLY A 104 -42.88 8.89 11.71
CA GLY A 104 -43.40 7.52 11.77
C GLY A 104 -43.11 6.75 10.48
N LEU A 105 -43.83 5.67 10.29
CA LEU A 105 -43.63 4.83 9.12
C LEU A 105 -44.27 5.50 7.89
N GLN A 106 -43.56 5.47 6.75
CA GLN A 106 -44.02 6.08 5.50
C GLN A 106 -43.68 5.21 4.32
N ASN A 107 -44.59 5.13 3.37
CA ASN A 107 -44.37 4.44 2.10
C ASN A 107 -43.88 5.40 1.03
N ILE A 108 -42.56 5.52 0.89
CA ILE A 108 -41.94 6.46 -0.05
C ILE A 108 -41.30 5.75 -1.25
N ASN A 109 -41.88 5.95 -2.44
CA ASN A 109 -41.31 5.46 -3.71
C ASN A 109 -40.97 3.97 -3.65
N GLY A 110 -41.93 3.16 -3.23
CA GLY A 110 -41.74 1.71 -3.17
C GLY A 110 -40.76 1.21 -2.10
N THR A 111 -40.51 2.03 -1.09
CA THR A 111 -39.75 1.61 0.07
C THR A 111 -40.46 2.13 1.30
N LEU A 112 -40.36 1.36 2.36
CA LEU A 112 -40.92 1.72 3.64
C LEU A 112 -39.79 2.25 4.44
N GLN A 113 -39.98 3.44 4.98
CA GLN A 113 -38.97 4.11 5.79
C GLN A 113 -39.59 4.59 7.07
N PHE A 114 -38.75 4.93 8.04
CA PHE A 114 -39.18 5.34 9.37
C PHE A 114 -38.42 6.56 9.80
N PHE A 115 -39.17 7.46 10.44
CA PHE A 115 -38.74 8.78 10.79
C PHE A 115 -39.19 9.01 12.21
N ASP A 116 -38.27 9.44 13.06
CA ASP A 116 -38.53 9.51 14.50
C ASP A 116 -39.84 10.26 14.79
N PRO A 117 -40.69 9.72 15.67
CA PRO A 117 -41.96 10.40 15.93
C PRO A 117 -41.83 11.84 16.47
N TYR A 118 -40.69 12.15 17.08
CA TYR A 118 -40.46 13.46 17.65
C TYR A 118 -39.56 14.27 16.72
N THR A 119 -38.29 13.89 16.57
CA THR A 119 -37.32 14.67 15.78
C THR A 119 -37.56 14.56 14.26
N GLY A 120 -38.25 13.52 13.80
CA GLY A 120 -38.44 13.30 12.36
C GLY A 120 -37.20 12.81 11.61
N GLU A 121 -36.16 12.44 12.36
CA GLU A 121 -34.93 11.99 11.75
C GLU A 121 -35.09 10.57 11.26
N GLN A 122 -34.52 10.30 10.09
CA GLN A 122 -34.70 9.02 9.44
C GLN A 122 -33.90 7.98 10.19
N LEU A 123 -34.51 6.83 10.42
CA LEU A 123 -33.82 5.70 11.01
C LEU A 123 -33.02 4.96 9.94
N LYS A 124 -31.78 4.60 10.25
CA LYS A 124 -30.98 3.74 9.39
C LYS A 124 -30.15 2.89 10.27
N GLY A 125 -30.10 1.59 9.98
CA GLY A 125 -29.26 0.67 10.76
C GLY A 125 -29.82 0.44 12.15
N GLY A 126 -31.13 0.20 12.23
CA GLY A 126 -31.79 0.10 13.53
C GLY A 126 -33.23 -0.32 13.43
N VAL A 127 -33.84 -0.52 14.59
CA VAL A 127 -35.19 -1.06 14.66
C VAL A 127 -36.17 0.00 15.10
N ALA A 128 -37.41 -0.12 14.65
CA ALA A 128 -38.52 0.69 15.15
C ALA A 128 -39.67 -0.23 15.45
N LYS A 129 -40.50 0.23 16.37
CA LYS A 129 -41.69 -0.51 16.78
C LYS A 129 -42.89 -0.08 15.93
N TYR A 130 -43.59 -1.04 15.32
CA TYR A 130 -44.85 -0.81 14.63
C TYR A 130 -45.79 -1.99 14.92
N ASP A 131 -47.08 -1.73 15.13
CA ASP A 131 -48.04 -2.80 15.54
C ASP A 131 -47.47 -3.63 16.73
N ASP A 132 -46.76 -2.95 17.65
CA ASP A 132 -46.22 -3.62 18.84
C ASP A 132 -45.30 -4.79 18.40
N LYS A 133 -44.64 -4.62 17.26
CA LYS A 133 -43.49 -5.47 16.93
C LYS A 133 -42.35 -4.66 16.29
N LEU A 134 -41.23 -5.34 16.04
CA LEU A 134 -39.98 -4.71 15.67
C LEU A 134 -39.60 -5.01 14.25
N PHE A 135 -39.26 -3.96 13.52
CA PHE A 135 -38.79 -4.10 12.15
C PHE A 135 -37.42 -3.48 12.03
N TYR A 136 -36.58 -4.08 11.18
CA TYR A 136 -35.23 -3.57 10.95
C TYR A 136 -35.16 -2.77 9.66
N PHE A 137 -34.52 -1.61 9.74
CA PHE A 137 -34.29 -0.73 8.62
C PHE A 137 -32.81 -0.73 8.28
N GLU A 138 -32.48 -1.12 7.06
CA GLU A 138 -31.05 -1.30 6.69
C GLU A 138 -30.28 0.04 6.67
N SER A 139 -28.96 -0.04 6.80
CA SER A 139 -28.14 1.14 7.11
C SER A 139 -27.86 2.01 5.87
N GLY A 140 -28.05 1.45 4.69
CA GLY A 140 -27.82 2.17 3.46
C GLY A 140 -28.83 3.27 3.27
N LYS A 141 -30.01 2.86 2.83
CA LYS A 141 -31.06 3.79 2.45
C LYS A 141 -32.18 3.85 3.50
N GLY A 142 -32.04 3.10 4.59
CA GLY A 142 -33.09 3.06 5.61
C GLY A 142 -34.35 2.26 5.22
N ASN A 143 -34.25 1.38 4.24
CA ASN A 143 -35.40 0.54 3.87
C ASN A 143 -35.71 -0.58 4.87
N LEU A 144 -37.01 -0.79 5.08
CA LEU A 144 -37.50 -1.82 5.95
C LEU A 144 -37.22 -3.17 5.28
N VAL A 145 -36.50 -4.05 5.98
CA VAL A 145 -36.06 -5.30 5.36
C VAL A 145 -36.53 -6.56 6.04
N SER A 146 -36.84 -6.49 7.35
CA SER A 146 -37.16 -7.67 8.12
C SER A 146 -37.80 -7.39 9.49
N THR A 147 -38.34 -8.42 10.05
CA THR A 147 -38.73 -8.44 11.45
C THR A 147 -37.55 -8.86 12.32
N VAL A 148 -37.47 -8.30 13.53
CA VAL A 148 -36.51 -8.72 14.53
C VAL A 148 -37.28 -9.29 15.74
N ALA A 149 -36.78 -10.38 16.31
CA ALA A 149 -37.50 -11.12 17.39
C ALA A 149 -37.64 -10.37 18.74
N GLY A 150 -36.66 -9.59 19.14
CA GLY A 150 -36.77 -8.79 20.36
C GLY A 150 -35.68 -7.73 20.46
N ASP A 151 -35.89 -6.77 21.37
CA ASP A 151 -34.98 -5.68 21.63
C ASP A 151 -34.52 -5.76 23.10
N TYR A 152 -33.22 -5.80 23.33
CA TYR A 152 -32.71 -6.09 24.64
C TYR A 152 -31.71 -5.04 25.07
N GLN A 153 -31.96 -4.43 26.21
CA GLN A 153 -31.07 -3.47 26.79
C GLN A 153 -30.86 -3.68 28.26
N ASP A 154 -31.27 -4.81 28.77
CA ASP A 154 -31.23 -5.05 30.16
C ASP A 154 -30.71 -6.44 30.50
N GLY A 155 -29.70 -6.90 29.78
CA GLY A 155 -29.17 -8.27 29.95
C GLY A 155 -27.68 -8.21 30.13
N HIS A 156 -27.01 -9.34 29.91
CA HIS A 156 -25.59 -9.47 30.14
C HIS A 156 -25.08 -10.51 29.18
N TYR A 157 -23.95 -10.23 28.58
CA TYR A 157 -23.28 -11.25 27.83
C TYR A 157 -22.61 -12.18 28.85
N ILE A 158 -22.44 -13.46 28.50
CA ILE A 158 -21.78 -14.46 29.37
C ILE A 158 -20.96 -15.42 28.51
N SER A 159 -20.03 -16.18 29.10
CA SER A 159 -19.39 -17.25 28.32
C SER A 159 -19.71 -18.60 28.93
N GLN A 160 -20.03 -19.56 28.07
CA GLN A 160 -20.37 -20.93 28.48
C GLN A 160 -19.83 -21.76 27.37
N ASP A 161 -18.99 -22.74 27.68
CA ASP A 161 -18.45 -23.64 26.66
C ASP A 161 -17.59 -22.92 25.63
N GLY A 162 -16.91 -21.86 26.07
CA GLY A 162 -16.02 -21.10 25.20
C GLY A 162 -16.80 -20.41 24.10
N GLN A 163 -18.08 -20.14 24.38
CA GLN A 163 -18.90 -19.38 23.45
C GLN A 163 -19.33 -18.13 24.18
N THR A 164 -19.77 -17.15 23.42
CA THR A 164 -20.48 -16.04 23.99
C THR A 164 -21.98 -16.25 23.80
N ARG A 165 -22.72 -15.94 24.87
CA ARG A 165 -24.16 -15.98 24.85
C ARG A 165 -24.71 -14.73 25.53
N TYR A 166 -26.02 -14.54 25.42
CA TYR A 166 -26.62 -13.40 26.05
C TYR A 166 -27.85 -13.84 26.80
N ALA A 167 -27.93 -13.33 28.02
CA ALA A 167 -28.91 -13.72 28.97
C ALA A 167 -29.74 -12.49 29.24
N ASP A 168 -31.06 -12.66 29.18
CA ASP A 168 -31.98 -11.54 29.21
C ASP A 168 -32.25 -11.14 30.65
N LYS A 169 -33.14 -10.19 30.86
CA LYS A 169 -33.49 -9.75 32.20
C LYS A 169 -33.88 -10.88 33.18
N GLN A 170 -34.41 -12.01 32.69
CA GLN A 170 -34.85 -13.14 33.53
C GLN A 170 -33.80 -14.23 33.52
N ASN A 171 -32.56 -13.83 33.21
CA ASN A 171 -31.44 -14.76 32.97
C ASN A 171 -31.63 -15.85 31.95
N GLN A 172 -32.52 -15.63 30.97
CA GLN A 172 -32.75 -16.62 29.91
C GLN A 172 -31.88 -16.32 28.67
N LEU A 173 -31.32 -17.35 28.07
CA LEU A 173 -30.61 -17.27 26.82
C LEU A 173 -31.49 -16.69 25.71
N VAL A 174 -30.94 -15.70 25.01
CA VAL A 174 -31.66 -15.07 23.92
C VAL A 174 -31.35 -15.87 22.66
N LYS A 175 -32.33 -16.09 21.82
CA LYS A 175 -32.15 -16.84 20.58
C LYS A 175 -32.54 -16.02 19.36
N GLY A 176 -31.91 -16.33 18.23
CA GLY A 176 -32.31 -15.73 16.96
C GLY A 176 -31.76 -14.35 16.66
N LEU A 177 -32.43 -13.69 15.73
CA LEU A 177 -32.09 -12.36 15.26
C LEU A 177 -32.70 -11.34 16.18
N VAL A 178 -31.85 -10.59 16.88
CA VAL A 178 -32.27 -9.59 17.83
C VAL A 178 -31.39 -8.35 17.78
N THR A 179 -31.82 -7.27 18.44
CA THR A 179 -30.93 -6.16 18.77
C THR A 179 -30.60 -6.12 20.27
N VAL A 180 -29.32 -5.91 20.56
CA VAL A 180 -28.79 -5.79 21.90
C VAL A 180 -28.02 -4.49 22.05
N ASN A 181 -28.49 -3.62 22.93
CA ASN A 181 -27.91 -2.32 23.08
C ASN A 181 -27.78 -1.59 21.75
N GLY A 182 -28.79 -1.71 20.90
CA GLY A 182 -28.81 -1.01 19.61
C GLY A 182 -27.99 -1.63 18.49
N ALA A 183 -27.62 -2.90 18.61
CA ALA A 183 -26.77 -3.55 17.59
C ALA A 183 -27.44 -4.83 17.14
N LEU A 184 -27.63 -4.97 15.84
CA LEU A 184 -28.27 -6.17 15.32
C LEU A 184 -27.35 -7.36 15.57
N GLN A 185 -27.91 -8.41 16.18
CA GLN A 185 -27.11 -9.63 16.47
C GLN A 185 -27.92 -10.89 16.28
N TYR A 186 -27.21 -12.02 16.21
CA TYR A 186 -27.83 -13.29 15.97
C TYR A 186 -27.21 -14.38 16.86
N PHE A 187 -28.08 -15.13 17.53
CA PHE A 187 -27.67 -16.24 18.38
C PHE A 187 -28.28 -17.50 17.83
N ASP A 188 -27.46 -18.55 17.78
CA ASP A 188 -27.89 -19.81 17.25
C ASP A 188 -29.13 -20.28 18.02
N ASN A 189 -30.15 -20.72 17.30
CA ASN A 189 -31.42 -21.09 17.93
C ASN A 189 -31.30 -22.26 18.87
N ALA A 190 -30.48 -23.26 18.51
CA ALA A 190 -30.38 -24.46 19.34
C ALA A 190 -29.60 -24.16 20.61
N THR A 191 -28.45 -23.50 20.49
CA THR A 191 -27.47 -23.34 21.59
C THR A 191 -27.44 -21.96 22.27
N GLY A 192 -27.89 -20.93 21.59
CA GLY A 192 -27.73 -19.59 22.11
C GLY A 192 -26.33 -19.01 21.84
N ASN A 193 -25.47 -19.70 21.11
CA ASN A 193 -24.13 -19.12 20.79
C ASN A 193 -24.20 -17.96 19.81
N GLN A 194 -23.52 -16.87 20.15
CA GLN A 194 -23.54 -15.69 19.33
C GLN A 194 -22.74 -15.98 18.09
N ILE A 195 -23.35 -15.77 16.93
CA ILE A 195 -22.62 -15.91 15.68
C ILE A 195 -21.69 -14.72 15.47
N LYS A 196 -20.45 -15.04 15.08
CA LYS A 196 -19.41 -14.07 14.81
C LYS A 196 -18.67 -14.41 13.55
N ASN A 197 -18.36 -13.37 12.79
CA ASN A 197 -17.71 -13.47 11.49
C ASN A 197 -18.28 -14.49 10.51
N GLN A 198 -19.59 -14.39 10.26
CA GLN A 198 -20.23 -15.23 9.26
C GLN A 198 -21.39 -14.52 8.64
N GLN A 199 -21.69 -14.90 7.40
CA GLN A 199 -22.97 -14.66 6.78
C GLN A 199 -24.02 -15.62 7.31
N VAL A 200 -25.21 -15.10 7.59
CA VAL A 200 -26.32 -15.94 8.01
C VAL A 200 -27.65 -15.55 7.35
N ILE A 201 -28.36 -16.57 6.89
CA ILE A 201 -29.72 -16.49 6.39
C ILE A 201 -30.70 -16.66 7.52
N VAL A 202 -31.57 -15.66 7.72
CA VAL A 202 -32.63 -15.72 8.69
C VAL A 202 -33.91 -15.26 8.00
N ASP A 203 -34.91 -16.14 7.96
CA ASP A 203 -36.23 -15.83 7.38
C ASP A 203 -36.13 -15.25 5.98
N GLY A 204 -35.24 -15.84 5.20
CA GLY A 204 -35.07 -15.47 3.82
C GLY A 204 -34.41 -14.12 3.60
N LYS A 205 -33.78 -13.56 4.62
CA LYS A 205 -32.85 -12.45 4.41
C LYS A 205 -31.43 -12.92 4.76
N THR A 206 -30.42 -12.38 4.07
CA THR A 206 -29.02 -12.72 4.37
C THR A 206 -28.36 -11.54 5.03
N TYR A 207 -27.66 -11.81 6.14
CA TYR A 207 -26.96 -10.83 6.97
C TYR A 207 -25.52 -11.21 7.16
N TYR A 208 -24.73 -10.24 7.58
CA TYR A 208 -23.36 -10.54 8.00
C TYR A 208 -23.18 -10.03 9.42
N PHE A 209 -22.57 -10.88 10.25
CA PHE A 209 -22.15 -10.48 11.60
C PHE A 209 -20.62 -10.45 11.72
N ASP A 210 -20.09 -9.33 12.21
CA ASP A 210 -18.62 -9.14 12.25
C ASP A 210 -17.92 -9.93 13.40
N ASP A 211 -16.65 -9.59 13.64
CA ASP A 211 -15.83 -10.14 14.72
C ASP A 211 -16.41 -9.87 16.14
N LYS A 212 -17.14 -8.79 16.33
CA LYS A 212 -17.81 -8.51 17.60
C LYS A 212 -19.28 -8.99 17.61
N GLY A 213 -19.67 -9.81 16.64
CA GLY A 213 -21.10 -10.12 16.41
C GLY A 213 -22.07 -9.01 15.95
N ASN A 214 -21.57 -7.85 15.53
CA ASN A 214 -22.46 -6.77 15.07
C ASN A 214 -22.86 -6.99 13.60
N GLY A 215 -24.16 -6.93 13.35
CA GLY A 215 -24.74 -7.35 12.06
C GLY A 215 -25.15 -6.23 11.10
N GLU A 216 -25.25 -6.59 9.84
CA GLU A 216 -25.76 -5.66 8.81
C GLU A 216 -26.52 -6.51 7.78
N TYR A 217 -27.50 -5.88 7.15
CA TYR A 217 -28.24 -6.53 6.13
C TYR A 217 -27.44 -6.49 4.85
N LEU A 218 -27.40 -7.62 4.16
CA LEU A 218 -26.78 -7.76 2.86
C LEU A 218 -27.80 -7.73 1.73
N PHE A 219 -28.71 -8.72 1.70
CA PHE A 219 -29.79 -8.76 0.68
C PHE A 219 -30.93 -9.64 1.14
N THR A 220 -32.03 -9.57 0.40
CA THR A 220 -33.17 -10.41 0.61
C THR A 220 -33.17 -11.53 -0.45
N ASN A 221 -33.49 -12.74 -0.06
CA ASN A 221 -33.38 -13.84 -0.97
C ASN A 221 -34.60 -14.07 -1.78
N THR A 222 -34.46 -14.65 -2.94
CA THR A 222 -35.60 -15.10 -3.70
C THR A 222 -36.22 -16.27 -2.99
N LEU A 223 -37.53 -16.31 -2.97
CA LEU A 223 -38.22 -17.42 -2.36
C LEU A 223 -37.95 -18.56 -3.26
N ASP A 224 -38.38 -18.36 -4.48
CA ASP A 224 -38.02 -19.22 -5.57
C ASP A 224 -38.45 -18.56 -6.88
N SER A 226 -38.86 -19.79 -10.68
CA SER A 226 -40.22 -20.28 -10.73
C SER A 226 -40.22 -21.78 -10.92
N THR A 227 -41.33 -22.41 -10.58
CA THR A 227 -41.46 -23.82 -10.70
C THR A 227 -42.14 -24.16 -12.02
N ASN A 228 -42.69 -23.15 -12.67
CA ASN A 228 -43.61 -23.37 -13.77
C ASN A 228 -43.07 -23.90 -15.08
N ALA A 229 -43.97 -24.12 -16.01
CA ALA A 229 -43.60 -24.71 -17.28
C ALA A 229 -42.86 -23.70 -18.12
N PHE A 230 -43.17 -22.43 -17.92
CA PHE A 230 -42.46 -21.40 -18.63
C PHE A 230 -40.99 -21.45 -18.31
N SER A 231 -40.69 -21.46 -17.04
CA SER A 231 -39.32 -21.44 -16.64
C SER A 231 -38.60 -22.72 -17.03
N THR A 232 -39.29 -23.84 -17.09
CA THR A 232 -38.63 -25.10 -17.46
C THR A 232 -38.20 -25.18 -18.91
N LYS A 233 -38.58 -24.21 -19.69
CA LYS A 233 -38.05 -24.02 -21.06
C LYS A 233 -36.83 -23.06 -21.14
N ASN A 234 -36.63 -22.27 -20.07
CA ASN A 234 -35.47 -21.41 -19.90
C ASN A 234 -34.22 -22.15 -19.35
N VAL A 235 -34.41 -23.36 -18.83
CA VAL A 235 -33.31 -24.18 -18.34
C VAL A 235 -32.29 -24.33 -19.45
N ALA A 236 -31.05 -24.51 -19.05
CA ALA A 236 -29.96 -24.55 -19.98
C ALA A 236 -30.08 -25.75 -20.90
N PHE A 237 -29.70 -25.58 -22.16
CA PHE A 237 -29.63 -26.67 -23.13
C PHE A 237 -28.82 -27.80 -22.52
N ASN A 238 -27.59 -27.53 -22.10
CA ASN A 238 -26.81 -28.50 -21.30
C ASN A 238 -25.79 -27.74 -20.46
N HIS A 239 -24.95 -28.48 -19.75
CA HIS A 239 -23.93 -27.89 -18.90
C HIS A 239 -22.54 -27.88 -19.51
N ASP A 240 -22.45 -28.02 -20.83
CA ASP A 240 -21.16 -27.94 -21.48
C ASP A 240 -20.68 -26.52 -21.64
N SER A 241 -19.38 -26.43 -21.79
CA SER A 241 -18.73 -25.18 -21.97
C SER A 241 -19.28 -24.41 -23.19
N SER A 242 -19.64 -25.09 -24.28
CA SER A 242 -20.15 -24.39 -25.48
C SER A 242 -21.53 -23.70 -25.31
N SER A 243 -22.27 -24.02 -24.25
CA SER A 243 -23.60 -23.45 -24.00
C SER A 243 -23.55 -22.15 -23.19
N PHE A 244 -22.36 -21.74 -22.78
CA PHE A 244 -22.17 -20.53 -21.96
C PHE A 244 -21.00 -19.68 -22.44
N ASP A 245 -21.10 -18.37 -22.28
CA ASP A 245 -19.96 -17.50 -22.53
C ASP A 245 -19.77 -16.52 -21.35
N HIS A 246 -18.72 -15.69 -21.45
CA HIS A 246 -18.20 -14.91 -20.30
C HIS A 246 -18.02 -15.77 -19.04
N THR A 247 -17.45 -16.94 -19.22
CA THR A 247 -17.17 -17.82 -18.11
C THR A 247 -15.66 -17.75 -17.86
N VAL A 248 -15.26 -18.13 -16.64
CA VAL A 248 -13.86 -18.14 -16.21
C VAL A 248 -13.66 -19.43 -15.43
N ASP A 249 -12.75 -20.27 -15.90
CA ASP A 249 -12.41 -21.53 -15.29
C ASP A 249 -13.64 -22.40 -15.05
N GLY A 250 -14.63 -22.28 -15.93
CA GLY A 250 -15.83 -23.12 -15.81
C GLY A 250 -16.85 -22.54 -14.85
N PHE A 251 -16.63 -21.34 -14.34
CA PHE A 251 -17.58 -20.70 -13.44
C PHE A 251 -18.43 -19.71 -14.23
N LEU A 252 -19.61 -19.43 -13.73
CA LEU A 252 -20.47 -18.46 -14.36
C LEU A 252 -20.31 -17.07 -13.73
N THR A 253 -20.47 -16.03 -14.52
CA THR A 253 -20.45 -14.69 -13.97
C THR A 253 -21.70 -13.94 -14.28
N ALA A 254 -21.83 -12.78 -13.66
CA ALA A 254 -22.93 -11.89 -13.91
C ALA A 254 -23.11 -11.53 -15.36
N ASP A 255 -22.02 -11.64 -16.14
CA ASP A 255 -22.02 -11.26 -17.56
C ASP A 255 -22.35 -12.43 -18.48
N THR A 256 -22.56 -13.60 -17.92
CA THR A 256 -22.66 -14.80 -18.73
C THR A 256 -23.99 -14.79 -19.54
N TRP A 257 -23.88 -15.02 -20.85
CA TRP A 257 -24.99 -15.42 -21.66
C TRP A 257 -25.01 -16.95 -21.79
N TYR A 258 -26.18 -17.52 -22.11
CA TYR A 258 -26.34 -18.96 -22.20
C TYR A 258 -27.39 -19.29 -23.28
N ARG A 259 -27.31 -20.54 -23.75
CA ARG A 259 -28.30 -21.16 -24.63
C ARG A 259 -29.26 -21.99 -23.81
N PRO A 260 -30.53 -21.60 -23.77
CA PRO A 260 -31.55 -22.38 -23.08
C PRO A 260 -32.05 -23.57 -23.92
N LYS A 261 -32.84 -24.43 -23.31
CA LYS A 261 -33.51 -25.53 -23.99
C LYS A 261 -34.30 -24.96 -25.17
N SER A 262 -35.16 -24.00 -24.90
CA SER A 262 -36.10 -23.47 -25.90
C SER A 262 -36.08 -21.94 -25.94
N ILE A 263 -36.49 -21.40 -27.09
CA ILE A 263 -36.63 -19.97 -27.33
C ILE A 263 -38.10 -19.60 -27.67
N LEU A 264 -38.64 -18.61 -26.98
CA LEU A 264 -39.96 -18.10 -27.28
C LEU A 264 -39.85 -17.06 -28.40
N ALA A 265 -39.78 -17.55 -29.64
CA ALA A 265 -39.55 -16.71 -30.82
C ALA A 265 -40.66 -15.67 -31.07
N ASN A 266 -40.25 -14.43 -31.32
CA ASN A 266 -41.14 -13.30 -31.59
C ASN A 266 -42.06 -12.96 -30.45
N GLY A 267 -41.80 -13.53 -29.28
CA GLY A 267 -42.69 -13.38 -28.15
C GLY A 267 -43.95 -14.22 -28.27
N THR A 268 -43.92 -15.22 -29.16
CA THR A 268 -45.13 -16.02 -29.45
C THR A 268 -44.90 -17.53 -29.60
N THR A 269 -43.90 -17.91 -30.40
CA THR A 269 -43.70 -19.32 -30.70
C THR A 269 -42.51 -19.94 -29.98
N TRP A 270 -42.81 -20.84 -29.06
CA TRP A 270 -41.79 -21.69 -28.49
C TRP A 270 -41.21 -22.59 -29.57
N ARG A 271 -39.88 -22.50 -29.78
CA ARG A 271 -39.12 -23.43 -30.62
C ARG A 271 -37.91 -23.96 -29.86
N ASP A 272 -37.23 -24.94 -30.45
CA ASP A 272 -36.01 -25.43 -29.89
C ASP A 272 -34.93 -24.40 -30.19
N SER A 273 -33.95 -24.32 -29.29
CA SER A 273 -32.84 -23.43 -29.50
C SER A 273 -31.88 -24.04 -30.50
N THR A 274 -31.24 -23.18 -31.28
CA THR A 274 -30.08 -23.56 -32.10
C THR A 274 -28.82 -23.20 -31.34
N ASP A 275 -27.71 -23.77 -31.77
CA ASP A 275 -26.39 -23.39 -31.24
C ASP A 275 -26.11 -21.88 -31.30
N LYS A 276 -26.79 -21.14 -32.19
CA LYS A 276 -26.62 -19.67 -32.23
C LYS A 276 -27.63 -18.87 -31.39
N ASP A 277 -28.41 -19.55 -30.55
CA ASP A 277 -29.33 -18.84 -29.65
C ASP A 277 -28.69 -18.63 -28.28
N MET A 278 -28.33 -17.39 -27.98
CA MET A 278 -27.73 -17.05 -26.68
C MET A 278 -28.51 -15.91 -26.05
N ARG A 279 -28.77 -16.06 -24.75
CA ARG A 279 -29.51 -15.07 -24.02
C ARG A 279 -28.84 -14.86 -22.70
N PRO A 280 -29.06 -13.68 -22.10
CA PRO A 280 -28.36 -13.41 -20.85
C PRO A 280 -29.00 -14.17 -19.71
N LEU A 281 -28.15 -14.67 -18.86
CA LEU A 281 -28.60 -15.37 -17.68
C LEU A 281 -29.40 -14.48 -16.72
N ILE A 282 -29.08 -13.19 -16.60
CA ILE A 282 -29.82 -12.33 -15.68
C ILE A 282 -31.20 -11.86 -16.19
N THR A 283 -31.64 -12.38 -17.33
CA THR A 283 -33.00 -12.22 -17.80
C THR A 283 -33.90 -13.38 -17.35
N VAL A 284 -33.29 -14.47 -16.90
CA VAL A 284 -34.09 -15.61 -16.40
C VAL A 284 -33.76 -16.08 -14.98
N TRP A 285 -32.81 -15.43 -14.32
CA TRP A 285 -32.34 -15.90 -13.01
C TRP A 285 -31.66 -14.76 -12.33
N TRP A 286 -31.81 -14.72 -11.02
CA TRP A 286 -31.30 -13.61 -10.20
C TRP A 286 -30.78 -14.18 -8.89
N PRO A 287 -29.66 -13.66 -8.42
CA PRO A 287 -29.02 -14.21 -7.20
C PRO A 287 -29.78 -13.83 -5.93
N ASN A 288 -30.55 -12.76 -6.02
CA ASN A 288 -31.33 -12.33 -4.90
C ASN A 288 -32.53 -11.50 -5.29
N LYS A 289 -33.44 -11.28 -4.36
CA LYS A 289 -34.65 -10.51 -4.62
C LYS A 289 -34.38 -9.02 -4.94
N ASN A 290 -33.40 -8.41 -4.29
CA ASN A 290 -32.97 -7.05 -4.63
C ASN A 290 -32.66 -6.88 -6.11
N VAL A 291 -31.97 -7.86 -6.68
CA VAL A 291 -31.56 -7.75 -8.07
C VAL A 291 -32.78 -7.95 -8.97
N GLN A 292 -33.68 -8.85 -8.59
CA GLN A 292 -34.83 -9.15 -9.46
C GLN A 292 -35.80 -7.98 -9.46
N VAL A 293 -36.00 -7.38 -8.30
CA VAL A 293 -36.83 -6.22 -8.20
C VAL A 293 -36.25 -5.09 -9.02
N ASN A 294 -34.95 -4.85 -8.88
CA ASN A 294 -34.31 -3.77 -9.62
C ASN A 294 -34.34 -3.95 -11.13
N TYR A 295 -34.12 -5.19 -11.57
CA TYR A 295 -34.19 -5.61 -12.96
C TYR A 295 -35.57 -5.29 -13.56
N LEU A 296 -36.63 -5.65 -12.85
CA LEU A 296 -37.98 -5.36 -13.33
C LEU A 296 -38.21 -3.88 -13.41
N ASN A 297 -37.78 -3.17 -12.39
CA ASN A 297 -37.92 -1.70 -12.40
C ASN A 297 -37.09 -1.01 -13.49
N PHE A 298 -35.90 -1.55 -13.70
CA PHE A 298 -35.01 -1.05 -14.72
C PHE A 298 -35.71 -1.28 -16.08
N MET A 299 -36.31 -2.45 -16.25
CA MET A 299 -37.04 -2.71 -17.47
C MET A 299 -38.30 -1.84 -17.62
N LYS A 300 -39.00 -1.54 -16.54
CA LYS A 300 -40.07 -0.55 -16.67
C LYS A 300 -39.52 0.76 -17.22
N ALA A 301 -38.43 1.26 -16.64
CA ALA A 301 -37.94 2.58 -17.01
C ALA A 301 -37.39 2.65 -18.46
N ASN A 302 -36.92 1.50 -18.98
CA ASN A 302 -36.41 1.38 -20.36
C ASN A 302 -37.41 0.81 -21.35
N GLY A 303 -38.66 0.77 -20.93
CA GLY A 303 -39.75 0.59 -21.80
C GLY A 303 -39.86 -0.83 -22.32
N LEU A 304 -39.59 -1.80 -21.45
CA LEU A 304 -39.73 -3.19 -21.81
C LEU A 304 -40.71 -3.90 -20.94
N LEU A 305 -41.44 -3.15 -20.10
CA LEU A 305 -42.44 -3.75 -19.28
C LEU A 305 -43.40 -2.66 -18.92
N THR A 306 -44.67 -2.88 -19.16
CA THR A 306 -45.62 -1.82 -18.93
C THR A 306 -46.50 -2.31 -17.82
N THR A 307 -46.54 -1.57 -16.71
CA THR A 307 -47.44 -1.93 -15.62
C THR A 307 -47.58 -0.78 -14.65
N ALA A 308 -48.71 -0.71 -13.98
CA ALA A 308 -48.83 0.25 -12.90
C ALA A 308 -48.37 -0.43 -11.62
N ALA A 309 -48.30 -1.77 -11.63
CA ALA A 309 -47.72 -2.51 -10.53
C ALA A 309 -46.35 -1.90 -10.16
N GLN A 310 -46.17 -1.61 -8.87
CA GLN A 310 -44.90 -1.11 -8.36
C GLN A 310 -44.15 -2.30 -7.76
N TYR A 311 -42.85 -2.49 -8.08
CA TYR A 311 -42.14 -3.69 -7.56
C TYR A 311 -41.20 -3.33 -6.43
N THR A 312 -41.34 -4.04 -5.31
CA THR A 312 -40.56 -3.79 -4.10
C THR A 312 -40.06 -5.07 -3.46
N LEU A 313 -39.27 -4.91 -2.42
CA LEU A 313 -38.87 -6.06 -1.63
C LEU A 313 -40.04 -6.78 -0.96
N HIS A 314 -41.20 -6.10 -0.87
CA HIS A 314 -42.40 -6.72 -0.27
C HIS A 314 -43.41 -7.25 -1.27
N SER A 315 -43.04 -7.26 -2.54
CA SER A 315 -43.85 -7.91 -3.57
C SER A 315 -43.80 -9.43 -3.41
N ASP A 316 -44.88 -10.11 -3.81
CA ASP A 316 -44.95 -11.54 -3.78
C ASP A 316 -44.05 -12.05 -4.86
N GLN A 317 -43.28 -13.07 -4.53
CA GLN A 317 -42.37 -13.72 -5.47
C GLN A 317 -43.06 -14.17 -6.73
N TYI A 318 -44.31 -14.63 -6.59
CA TYI A 318 -45.07 -15.15 -7.72
CB TYI A 318 -46.43 -15.72 -7.27
CG TYI A 318 -47.22 -16.19 -8.47
CD1 TYI A 318 -47.05 -17.52 -8.85
CE1 TYI A 318 -47.75 -18.03 -9.93
CD2 TYI A 318 -48.08 -15.31 -9.16
CE2 TYI A 318 -48.79 -15.77 -10.25
CZ TYI A 318 -48.64 -17.15 -10.67
OH TYI A 318 -49.33 -17.61 -11.74
C TYI A 318 -45.21 -14.06 -8.73
O TYI A 318 -44.93 -14.26 -9.89
I1 TYI A 318 -47.52 -19.99 -10.54
I2 TYI A 318 -50.10 -14.62 -11.38
N ASP A 319 -45.63 -12.87 -8.28
CA ASP A 319 -45.87 -11.72 -9.16
C ASP A 319 -44.60 -11.27 -9.79
N LEU A 320 -43.50 -11.31 -9.05
CA LEU A 320 -42.21 -10.89 -9.58
C LEU A 320 -41.79 -11.82 -10.69
N ASN A 321 -41.88 -13.11 -10.41
CA ASN A 321 -41.59 -14.13 -11.43
C ASN A 321 -42.44 -13.97 -12.67
N GLN A 322 -43.74 -13.77 -12.46
CA GLN A 322 -44.69 -13.57 -13.55
C GLN A 322 -44.25 -12.37 -14.41
N ALA A 323 -43.85 -11.29 -13.75
CA ALA A 323 -43.48 -10.06 -14.45
C ALA A 323 -42.19 -10.26 -15.24
N ALA A 324 -41.27 -11.03 -14.69
CA ALA A 324 -40.06 -11.33 -15.44
C ALA A 324 -40.38 -12.05 -16.75
N GLN A 325 -41.39 -12.92 -16.72
CA GLN A 325 -41.77 -13.67 -17.92
C GLN A 325 -42.38 -12.72 -18.96
N ASP A 326 -43.11 -11.71 -18.52
CA ASP A 326 -43.61 -10.70 -19.41
C ASP A 326 -42.47 -9.94 -20.05
N VAL A 327 -41.41 -9.67 -19.28
CA VAL A 327 -40.23 -9.00 -19.85
C VAL A 327 -39.61 -9.88 -20.93
N GLN A 328 -39.43 -11.18 -20.69
CA GLN A 328 -38.89 -12.03 -21.76
C GLN A 328 -39.64 -11.77 -23.04
N VAL A 329 -40.96 -11.73 -22.94
CA VAL A 329 -41.82 -11.55 -24.10
C VAL A 329 -41.39 -10.30 -24.85
N ALA A 330 -41.24 -9.19 -24.15
CA ALA A 330 -40.88 -7.96 -24.85
C ALA A 330 -39.49 -8.08 -25.43
N ILE A 331 -38.59 -8.75 -24.71
CA ILE A 331 -37.24 -8.96 -25.19
C ILE A 331 -37.23 -9.79 -26.48
N GLU A 332 -37.87 -10.95 -26.46
CA GLU A 332 -37.89 -11.79 -27.65
C GLU A 332 -38.51 -11.08 -28.84
N ARG A 333 -39.55 -10.30 -28.55
CA ARG A 333 -40.27 -9.55 -29.56
C ARG A 333 -39.30 -8.53 -30.15
N ARG A 334 -38.44 -7.92 -29.34
CA ARG A 334 -37.47 -6.91 -29.84
C ARG A 334 -36.21 -7.49 -30.50
N ILE A 335 -35.84 -8.69 -30.10
CA ILE A 335 -34.73 -9.40 -30.75
C ILE A 335 -35.12 -9.65 -32.20
N ALA A 336 -36.33 -10.18 -32.39
CA ALA A 336 -36.87 -10.44 -33.75
C ALA A 336 -36.91 -9.16 -34.59
N SER A 337 -37.36 -8.08 -33.97
CA SER A 337 -37.38 -6.79 -34.58
C SER A 337 -35.97 -6.29 -34.94
N GLU A 338 -35.03 -6.46 -34.03
CA GLU A 338 -33.67 -5.95 -34.26
C GLU A 338 -32.75 -6.95 -34.98
N HIS A 339 -33.27 -8.16 -35.25
CA HIS A 339 -32.52 -9.24 -35.91
C HIS A 339 -31.17 -9.51 -35.21
N GLY A 340 -31.20 -9.61 -33.89
CA GLY A 340 -29.94 -9.60 -33.12
C GLY A 340 -30.12 -9.26 -31.65
N THR A 341 -29.02 -9.36 -30.89
CA THR A 341 -29.09 -9.21 -29.45
C THR A 341 -28.16 -8.12 -28.94
N ASP A 342 -27.58 -7.32 -29.83
CA ASP A 342 -26.60 -6.31 -29.43
C ASP A 342 -27.17 -5.16 -28.56
N TRP A 343 -28.45 -4.85 -28.76
CA TRP A 343 -29.15 -3.80 -28.01
C TRP A 343 -29.29 -4.27 -26.55
N LEU A 344 -29.53 -5.56 -26.37
CA LEU A 344 -29.68 -6.15 -25.06
C LEU A 344 -28.35 -6.13 -24.30
N GLN A 345 -27.28 -6.44 -25.00
CA GLN A 345 -25.94 -6.32 -24.45
C GLN A 345 -25.69 -4.91 -23.88
N LYS A 346 -26.05 -3.89 -24.65
CA LYS A 346 -25.79 -2.50 -24.25
C LYS A 346 -26.67 -2.10 -23.10
N LEU A 347 -27.96 -2.45 -23.22
CA LEU A 347 -28.95 -2.14 -22.20
C LEU A 347 -28.59 -2.65 -20.79
N LEU A 348 -28.18 -3.92 -20.71
CA LEU A 348 -27.88 -4.54 -19.41
C LEU A 348 -26.44 -4.36 -18.92
N PHE A 349 -25.47 -4.50 -19.83
CA PHE A 349 -24.06 -4.55 -19.43
C PHE A 349 -23.21 -3.35 -19.76
N GLU A 350 -23.78 -2.25 -20.22
CA GLU A 350 -22.94 -1.08 -20.49
C GLU A 350 -23.55 0.17 -19.93
N SER A 351 -22.68 1.12 -19.64
CA SER A 351 -23.09 2.41 -19.08
C SER A 351 -24.07 3.14 -19.98
N GLN A 352 -24.83 4.05 -19.39
CA GLN A 352 -25.97 4.58 -20.10
C GLN A 352 -26.39 5.86 -19.41
N ASN A 353 -26.33 6.94 -20.19
CA ASN A 353 -26.66 8.29 -19.73
C ASN A 353 -25.76 8.71 -18.59
N ASN A 354 -24.47 8.38 -18.72
CA ASN A 354 -23.48 8.58 -17.67
C ASN A 354 -23.83 7.88 -16.33
N ASN A 355 -24.55 6.76 -16.40
CA ASN A 355 -24.84 5.96 -15.22
C ASN A 355 -24.15 4.62 -15.31
N PRO A 356 -23.86 3.98 -14.16
CA PRO A 356 -23.26 2.65 -14.23
C PRO A 356 -24.21 1.69 -14.90
N SER A 357 -23.69 0.63 -15.49
CA SER A 357 -24.57 -0.38 -16.08
C SER A 357 -25.52 -1.00 -15.05
N PHE A 358 -26.58 -1.64 -15.56
CA PHE A 358 -27.50 -2.33 -14.69
C PHE A 358 -26.81 -3.30 -13.72
N VAL A 359 -25.89 -4.11 -14.25
CA VAL A 359 -25.07 -4.97 -13.41
C VAL A 359 -24.34 -4.20 -12.30
N LYS A 360 -23.66 -3.10 -12.67
CA LYS A 360 -22.83 -2.35 -11.72
C LYS A 360 -23.67 -1.48 -10.80
N GLN A 361 -24.97 -1.42 -11.00
CA GLN A 361 -25.81 -0.78 -10.00
C GLN A 361 -26.12 -1.69 -8.84
N GLN A 362 -25.88 -2.99 -8.96
CA GLN A 362 -26.32 -3.92 -7.92
C GLN A 362 -25.21 -4.11 -6.87
N PHE A 363 -25.64 -4.11 -5.63
CA PHE A 363 -24.76 -4.27 -4.48
C PHE A 363 -23.78 -5.43 -4.66
N ILE A 364 -24.27 -6.64 -4.93
CA ILE A 364 -23.36 -7.77 -4.95
C ILE A 364 -22.40 -7.78 -6.13
N TRP A 365 -22.63 -6.91 -7.09
CA TRP A 365 -21.78 -6.83 -8.26
C TRP A 365 -21.07 -5.47 -8.37
N ASN A 366 -20.83 -4.83 -7.23
CA ASN A 366 -20.08 -3.59 -7.22
C ASN A 366 -19.27 -3.50 -5.95
N LYS A 367 -18.44 -2.48 -5.89
CA LYS A 367 -17.49 -2.35 -4.78
C LYS A 367 -18.15 -2.20 -3.41
N ASP A 368 -19.42 -1.83 -3.35
CA ASP A 368 -20.06 -1.66 -2.04
C ASP A 368 -20.13 -2.95 -1.25
N SER A 369 -20.16 -4.08 -1.93
CA SER A 369 -20.20 -5.36 -1.24
C SER A 369 -18.78 -5.88 -0.93
N GLU A 370 -17.77 -5.10 -1.29
CA GLU A 370 -16.38 -5.42 -0.98
C GLU A 370 -15.80 -4.66 0.23
N TYR A 371 -16.56 -3.68 0.74
CA TYR A 371 -16.18 -3.00 1.99
C TYR A 371 -14.72 -2.51 1.99
N HIS A 372 -14.42 -1.64 1.03
CA HIS A 372 -13.07 -1.08 0.86
C HIS A 372 -12.73 -0.24 2.03
N GLY A 373 -11.45 -0.08 2.32
CA GLY A 373 -11.01 0.92 3.32
C GLY A 373 -10.68 0.24 4.64
N GLY A 374 -10.57 1.03 5.69
CA GLY A 374 -10.14 0.55 6.99
C GLY A 374 -8.70 0.98 7.25
N GLY A 375 -8.32 0.98 8.54
CA GLY A 375 -6.98 1.44 8.93
C GLY A 375 -5.87 0.58 8.30
N ASP A 376 -6.13 -0.69 8.09
CA ASP A 376 -5.12 -1.58 7.54
C ASP A 376 -5.18 -1.64 5.97
N ALA A 377 -6.00 -0.82 5.35
CA ALA A 377 -6.08 -0.83 3.89
C ALA A 377 -5.18 0.27 3.36
N TRP A 378 -3.90 0.02 3.27
CA TRP A 378 -3.00 1.14 3.10
C TRP A 378 -3.10 1.72 1.69
N PHE A 379 -3.19 0.89 0.67
CA PHE A 379 -3.35 1.43 -0.69
C PHE A 379 -4.48 0.73 -1.44
N GLN A 380 -5.03 1.43 -2.45
CA GLN A 380 -5.95 0.80 -3.40
C GLN A 380 -7.26 0.23 -2.76
N GLY A 381 -7.65 0.76 -1.60
CA GLY A 381 -8.84 0.33 -0.87
C GLY A 381 -8.72 -1.00 -0.16
N GLY A 382 -7.53 -1.55 -0.06
CA GLY A 382 -7.35 -2.80 0.66
C GLY A 382 -7.27 -4.05 -0.22
N TYR A 383 -7.20 -5.21 0.40
CA TYR A 383 -6.77 -6.42 -0.28
C TYR A 383 -7.73 -7.60 -0.22
N LEU A 384 -7.50 -8.57 -1.09
CA LEU A 384 -8.20 -9.80 -1.05
C LEU A 384 -7.15 -10.90 -1.01
N LYS A 385 -7.21 -11.70 0.06
CA LYS A 385 -6.31 -12.81 0.31
C LYS A 385 -6.83 -14.12 -0.32
N TYR A 386 -6.01 -14.75 -1.14
CA TYR A 386 -6.44 -15.99 -1.80
C TYR A 386 -6.46 -17.18 -0.86
N GLY A 387 -7.43 -18.08 -1.05
CA GLY A 387 -7.51 -19.33 -0.29
C GLY A 387 -7.75 -20.50 -1.22
N ASN A 388 -8.30 -21.57 -0.68
CA ASN A 388 -8.54 -22.81 -1.42
C ASN A 388 -10.02 -23.15 -1.49
N ASN A 389 -10.37 -23.90 -2.50
CA ASN A 389 -11.70 -24.39 -2.72
C ASN A 389 -11.59 -25.71 -3.52
N PRO A 390 -12.42 -26.70 -3.18
CA PRO A 390 -12.38 -27.95 -3.95
C PRO A 390 -12.67 -27.78 -5.44
N LEU A 391 -13.40 -26.73 -5.82
CA LEU A 391 -13.69 -26.47 -7.24
C LEU A 391 -12.67 -25.61 -8.00
N THR A 392 -11.60 -25.17 -7.34
CA THR A 392 -10.59 -24.38 -8.02
C THR A 392 -9.21 -25.01 -7.97
N PRO A 393 -9.09 -26.24 -8.46
CA PRO A 393 -7.84 -26.92 -8.25
C PRO A 393 -6.65 -26.21 -8.92
N THR A 394 -6.86 -25.44 -9.98
CA THR A 394 -5.79 -24.73 -10.67
C THR A 394 -5.31 -23.42 -10.01
N THR A 395 -6.12 -22.88 -9.09
CA THR A 395 -5.68 -21.71 -8.31
C THR A 395 -5.46 -22.03 -6.81
N ASN A 396 -5.62 -23.28 -6.40
CA ASN A 396 -5.37 -23.59 -4.98
C ASN A 396 -3.90 -23.55 -4.65
N SER A 397 -3.55 -23.51 -3.38
CA SER A 397 -2.14 -23.47 -2.99
C SER A 397 -1.96 -24.10 -1.67
N ASP A 398 -0.86 -24.82 -1.49
CA ASP A 398 -0.42 -25.27 -0.15
C ASP A 398 0.47 -24.29 0.63
N TYR A 399 0.65 -23.06 0.12
CA TYR A 399 1.59 -22.13 0.70
C TYR A 399 0.87 -20.90 1.16
N ARG A 400 1.20 -19.75 0.60
CA ARG A 400 0.56 -18.50 0.96
C ARG A 400 0.69 -18.06 2.42
N GLN A 401 1.74 -18.49 3.10
CA GLN A 401 2.09 -17.98 4.44
C GLN A 401 2.88 -16.69 4.31
N PRO A 402 2.57 -15.67 5.11
CA PRO A 402 3.31 -14.41 4.90
C PRO A 402 4.79 -14.51 5.22
N GLY A 403 5.13 -15.25 6.28
CA GLY A 403 6.48 -15.32 6.75
C GLY A 403 7.14 -14.00 7.09
N ASN A 404 6.36 -13.01 7.52
CA ASN A 404 6.95 -11.76 7.99
C ASN A 404 5.89 -10.94 8.64
N ALA A 405 6.26 -9.76 9.09
CA ALA A 405 5.33 -8.89 9.83
C ALA A 405 4.20 -8.42 8.93
N PHE A 406 4.51 -8.11 7.67
CA PHE A 406 3.50 -7.68 6.73
C PHE A 406 3.33 -8.70 5.57
N ASP A 407 2.26 -8.51 4.79
CA ASP A 407 1.90 -9.40 3.67
C ASP A 407 1.58 -8.58 2.44
N PHE A 408 0.54 -7.75 2.53
CA PHE A 408 -0.05 -7.10 1.33
C PHE A 408 0.30 -5.61 1.25
N LEU A 409 0.39 -5.08 0.03
CA LEU A 409 0.70 -3.65 -0.11
C LEU A 409 0.00 -3.05 -1.29
N LEU A 410 0.21 -3.68 -2.44
CA LEU A 410 -0.53 -3.31 -3.61
C LEU A 410 -0.43 -4.29 -4.75
N ALA A 411 -1.32 -4.13 -5.70
CA ALA A 411 -1.37 -4.97 -6.89
C ALA A 411 -1.40 -6.46 -6.56
N ASN A 412 -0.87 -7.30 -7.43
CA ASN A 412 -0.93 -8.76 -7.19
C ASN A 412 0.22 -9.18 -6.32
N ASP A 413 -0.06 -9.62 -5.12
CA ASP A 413 1.00 -9.88 -4.18
C ASP A 413 1.58 -11.27 -4.44
N VAL A 414 2.88 -11.35 -4.58
CA VAL A 414 3.55 -12.59 -4.95
C VAL A 414 3.75 -13.48 -3.73
N ASP A 415 3.53 -14.78 -3.89
CA ASP A 415 3.64 -15.73 -2.80
C ASP A 415 5.07 -16.26 -2.72
N ASN A 416 5.92 -15.46 -2.08
CA ASN A 416 7.33 -15.77 -1.98
C ASN A 416 7.67 -16.93 -1.02
N SER A 417 6.67 -17.53 -0.34
CA SER A 417 6.88 -18.80 0.34
C SER A 417 6.87 -19.97 -0.64
N ASN A 418 6.26 -19.81 -1.79
CA ASN A 418 6.11 -20.93 -2.69
C ASN A 418 7.49 -21.36 -3.15
N PRO A 419 7.82 -22.66 -3.04
CA PRO A 419 9.14 -23.10 -3.54
C PRO A 419 9.42 -22.69 -4.99
N VAL A 420 8.43 -22.79 -5.86
CA VAL A 420 8.69 -22.52 -7.28
C VAL A 420 8.95 -21.03 -7.45
N VAL A 421 8.26 -20.23 -6.65
CA VAL A 421 8.48 -18.79 -6.69
C VAL A 421 9.86 -18.46 -6.16
N GLN A 422 10.24 -19.11 -5.07
CA GLN A 422 11.54 -18.87 -4.50
C GLN A 422 12.63 -19.12 -5.53
N ALA A 423 12.43 -20.13 -6.37
CA ALA A 423 13.38 -20.44 -7.39
C ALA A 423 13.37 -19.35 -8.44
N GLU A 424 12.21 -18.92 -8.82
CA GLU A 424 12.12 -17.88 -9.80
C GLU A 424 12.68 -16.52 -9.27
N ASN A 425 12.59 -16.30 -7.96
CA ASN A 425 13.31 -15.18 -7.34
C ASN A 425 14.83 -15.30 -7.51
N LEU A 426 15.38 -16.51 -7.36
CA LEU A 426 16.80 -16.68 -7.60
C LEU A 426 17.18 -16.44 -9.05
N ASN A 427 16.37 -16.98 -9.95
CA ASN A 427 16.57 -16.75 -11.37
C ASN A 427 16.59 -15.27 -11.73
N TRP A 428 15.54 -14.55 -11.34
CA TRP A 428 15.53 -13.07 -11.55
C TRP A 428 16.76 -12.39 -10.89
N LEU A 429 17.12 -12.79 -9.69
CA LEU A 429 18.25 -12.18 -9.04
C LEU A 429 19.51 -12.40 -9.85
N HIS A 430 19.70 -13.64 -10.33
CA HIS A 430 20.86 -13.98 -11.15
C HIS A 430 20.89 -13.20 -12.46
N TYR A 431 19.74 -13.08 -13.10
CA TYR A 431 19.58 -12.26 -14.29
C TYR A 431 20.06 -10.84 -14.08
N LEU A 432 19.65 -10.22 -12.96
CA LEU A 432 20.02 -8.82 -12.69
C LEU A 432 21.52 -8.68 -12.37
N MET A 433 22.04 -9.63 -11.59
CA MET A 433 23.48 -9.63 -11.26
C MET A 433 24.39 -10.04 -12.44
N ASN A 434 23.81 -10.41 -13.57
CA ASN A 434 24.58 -10.77 -14.76
C ASN A 434 23.94 -10.19 -16.00
N PHE A 435 23.36 -9.01 -15.86
CA PHE A 435 22.46 -8.48 -16.87
C PHE A 435 23.18 -8.14 -18.20
N GLY A 436 24.33 -7.48 -18.08
CA GLY A 436 25.24 -7.22 -19.20
C GLY A 436 25.81 -8.49 -19.83
N THR A 437 26.25 -9.45 -19.00
CA THR A 437 26.70 -10.71 -19.52
C THR A 437 25.62 -11.36 -20.36
N ILE A 438 24.42 -11.49 -19.81
CA ILE A 438 23.32 -12.14 -20.50
C ILE A 438 22.83 -11.42 -21.74
N THR A 439 22.59 -10.13 -21.66
CA THR A 439 21.99 -9.43 -22.77
C THR A 439 22.98 -9.05 -23.88
N ALA A 440 24.27 -8.93 -23.58
CA ALA A 440 25.22 -8.44 -24.61
C ALA A 440 26.61 -9.04 -24.46
N GLY A 441 26.78 -10.02 -23.60
CA GLY A 441 28.11 -10.53 -23.36
C GLY A 441 29.07 -9.43 -22.88
N GLN A 442 28.61 -8.60 -21.95
CA GLN A 442 29.30 -7.37 -21.52
C GLN A 442 29.45 -7.42 -20.00
N ASP A 443 30.60 -7.95 -19.59
CA ASP A 443 30.83 -8.40 -18.26
C ASP A 443 31.01 -7.23 -17.30
N ASP A 444 31.26 -6.05 -17.80
CA ASP A 444 31.38 -4.92 -16.90
C ASP A 444 30.10 -4.08 -16.82
N ALA A 445 28.99 -4.67 -17.28
CA ALA A 445 27.69 -4.05 -17.24
C ALA A 445 26.64 -4.82 -16.38
N ASN A 446 27.08 -5.27 -15.23
CA ASN A 446 26.28 -6.04 -14.32
C ASN A 446 26.12 -5.32 -12.98
N PHE A 447 24.95 -5.45 -12.37
CA PHE A 447 24.69 -5.00 -11.01
C PHE A 447 25.55 -5.76 -10.00
N ASP A 448 25.89 -5.06 -8.91
CA ASP A 448 26.80 -5.56 -7.89
C ASP A 448 26.14 -5.82 -6.54
N SER A 449 25.04 -5.14 -6.26
CA SER A 449 24.40 -5.10 -4.94
C SER A 449 22.90 -4.97 -5.14
N ILE A 450 22.11 -5.08 -4.09
CA ILE A 450 20.68 -5.00 -4.24
C ILE A 450 20.03 -4.15 -3.18
N ARG A 451 18.88 -3.59 -3.50
CA ARG A 451 18.00 -3.11 -2.46
C ARG A 451 16.80 -4.02 -2.49
N ILE A 452 16.45 -4.55 -1.35
CA ILE A 452 15.27 -5.37 -1.20
C ILE A 452 14.15 -4.39 -0.86
N ASP A 453 13.37 -4.06 -1.86
CA ASP A 453 12.18 -3.28 -1.71
C ASP A 453 11.16 -4.01 -0.80
N ALA A 454 10.56 -3.22 0.09
CA ALA A 454 9.41 -3.70 0.89
C ALA A 454 9.78 -5.02 1.54
N VAL A 455 10.99 -5.08 2.08
CA VAL A 455 11.50 -6.28 2.69
C VAL A 455 10.52 -6.93 3.70
N ASP A 456 9.84 -6.14 4.54
CA ASP A 456 8.96 -6.74 5.58
C ASP A 456 7.66 -7.35 4.99
N PHE A 457 7.47 -7.17 3.69
CA PHE A 457 6.28 -7.62 2.99
C PHE A 457 6.54 -8.87 2.17
N ILE A 458 7.69 -9.48 2.35
CA ILE A 458 7.93 -10.78 1.73
C ILE A 458 8.48 -11.79 2.72
N HIS A 459 8.27 -13.05 2.38
CA HIS A 459 8.60 -14.14 3.26
C HIS A 459 10.05 -14.19 3.59
N ASN A 460 10.36 -14.44 4.85
CA ASN A 460 11.77 -14.56 5.29
C ASN A 460 12.63 -15.63 4.56
N ASP A 461 12.02 -16.73 4.12
CA ASP A 461 12.78 -17.75 3.41
C ASP A 461 13.38 -17.19 2.14
N THR A 462 12.64 -16.39 1.40
CA THR A 462 13.19 -15.81 0.19
C THR A 462 14.28 -14.80 0.49
N ILE A 463 14.22 -14.19 1.66
CA ILE A 463 15.20 -13.18 2.00
C ILE A 463 16.48 -13.86 2.43
N GLN A 464 16.35 -14.91 3.23
CA GLN A 464 17.52 -15.68 3.62
C GLN A 464 18.19 -16.38 2.44
N ARG A 465 17.40 -16.84 1.50
CA ARG A 465 17.91 -17.51 0.33
C ARG A 465 18.64 -16.52 -0.55
N THR A 466 18.08 -15.32 -0.66
CA THR A 466 18.70 -14.26 -1.41
C THR A 466 20.07 -13.99 -0.86
N TYR A 467 20.19 -13.97 0.47
CA TYR A 467 21.46 -13.69 1.09
C TYR A 467 22.45 -14.82 0.87
N ASP A 468 21.99 -16.06 0.82
CA ASP A 468 22.93 -17.17 0.52
C ASP A 468 23.41 -17.12 -0.92
N TYR A 469 22.59 -16.67 -1.82
CA TYR A 469 23.03 -16.46 -3.20
C TYR A 469 24.24 -15.53 -3.25
N LEU A 470 24.15 -14.43 -2.52
CA LEU A 470 25.20 -13.43 -2.55
C LEU A 470 26.44 -13.94 -1.85
N ARG A 471 26.24 -14.71 -0.78
CA ARG A 471 27.34 -15.40 -0.11
C ARG A 471 28.06 -16.34 -1.11
N ASP A 472 27.30 -17.09 -1.86
CA ASP A 472 27.86 -18.06 -2.79
C ASP A 472 28.52 -17.38 -3.98
N ALA A 473 28.00 -16.25 -4.40
CA ALA A 473 28.52 -15.69 -5.65
C ALA A 473 29.66 -14.76 -5.38
N TYR A 474 29.62 -14.02 -4.29
CA TYR A 474 30.64 -13.01 -4.03
C TYR A 474 31.43 -13.25 -2.75
N GLN A 475 31.13 -14.30 -1.99
CA GLN A 475 31.87 -14.60 -0.77
C GLN A 475 31.83 -13.45 0.22
N VAL A 476 30.74 -12.69 0.25
CA VAL A 476 30.67 -11.50 1.12
C VAL A 476 30.92 -11.82 2.57
N GLN A 477 30.77 -13.07 2.97
CA GLN A 477 30.94 -13.43 4.39
C GLN A 477 32.38 -13.62 4.80
N GLN A 478 33.27 -13.74 3.83
CA GLN A 478 34.68 -14.06 4.09
C GLN A 478 35.41 -12.94 4.80
N SER A 479 35.25 -11.71 4.32
CA SER A 479 35.99 -10.61 4.87
C SER A 479 35.31 -9.32 4.57
N GLU A 480 35.76 -8.27 5.22
CA GLU A 480 35.15 -6.99 4.94
C GLU A 480 35.50 -6.49 3.53
N ALA A 481 36.67 -6.88 3.01
CA ALA A 481 36.95 -6.55 1.60
C ALA A 481 35.89 -7.08 0.66
N LYS A 482 35.42 -8.29 0.88
CA LYS A 482 34.42 -8.86 -0.02
C LYS A 482 33.05 -8.28 0.22
N ALA A 483 32.69 -8.14 1.48
CA ALA A 483 31.42 -7.57 1.85
C ALA A 483 31.24 -6.15 1.33
N ASN A 484 32.25 -5.31 1.52
CA ASN A 484 32.15 -3.90 1.18
C ASN A 484 32.22 -3.64 -0.34
N GLN A 485 32.43 -4.68 -1.15
CA GLN A 485 32.30 -4.55 -2.62
C GLN A 485 30.87 -4.85 -3.12
N HIS A 486 29.99 -5.26 -2.20
CA HIS A 486 28.60 -5.61 -2.54
C HIS A 486 27.71 -5.13 -1.43
N ILE A 487 27.72 -3.82 -1.20
CA ILE A 487 26.91 -3.28 -0.13
C ILE A 487 25.44 -3.22 -0.50
N SER A 488 24.66 -4.09 0.13
CA SER A 488 23.22 -4.19 -0.09
C SER A 488 22.45 -3.52 1.03
N LEU A 489 21.19 -3.21 0.78
CA LEU A 489 20.36 -2.63 1.81
C LEU A 489 18.88 -3.01 1.66
N VAL A 490 18.13 -2.79 2.75
CA VAL A 490 16.72 -3.11 2.79
C VAL A 490 15.88 -1.91 3.23
N GLU A 491 14.62 -1.90 2.81
CA GLU A 491 13.71 -0.83 3.20
C GLU A 491 13.04 -1.13 4.52
N ALA A 492 13.77 -1.01 5.61
CA ALA A 492 13.24 -1.33 6.96
C ALA A 492 14.29 -0.89 7.97
N GLY A 493 13.93 -0.85 9.26
CA GLY A 493 14.91 -0.72 10.36
C GLY A 493 15.26 -2.05 11.00
N LEU A 494 15.48 -2.08 12.31
CA LEU A 494 15.84 -3.32 13.04
C LEU A 494 14.78 -4.43 12.96
N ASP A 495 13.57 -4.05 12.58
CA ASP A 495 12.50 -5.00 12.33
C ASP A 495 12.76 -6.02 11.21
N ALA A 496 13.77 -5.76 10.38
CA ALA A 496 14.15 -6.72 9.35
C ALA A 496 15.12 -7.74 9.94
N GLY A 497 14.60 -8.67 10.71
CA GLY A 497 15.43 -9.62 11.45
C GLY A 497 16.28 -10.61 10.68
N THR A 498 15.85 -11.00 9.49
CA THR A 498 16.69 -11.83 8.63
C THR A 498 17.89 -11.02 8.05
N SER A 499 17.77 -9.69 8.10
CA SER A 499 18.83 -8.79 7.60
C SER A 499 19.76 -8.38 8.70
N THR A 500 19.27 -8.26 9.95
CA THR A 500 20.16 -7.92 11.07
C THR A 500 20.84 -9.13 11.69
N ILE A 501 20.21 -10.29 11.64
CA ILE A 501 20.77 -11.40 12.34
C ILE A 501 22.23 -11.60 11.98
N HIS A 502 22.61 -11.49 10.71
CA HIS A 502 24.02 -11.63 10.33
C HIS A 502 24.54 -10.40 9.57
N ASN A 503 23.83 -9.27 9.66
CA ASN A 503 24.14 -8.07 8.94
C ASN A 503 24.56 -8.32 7.48
N ASP A 504 23.72 -9.04 6.76
CA ASP A 504 23.93 -9.24 5.33
C ASP A 504 23.62 -7.98 4.50
N ALA A 505 22.88 -7.03 5.08
CA ALA A 505 22.54 -5.80 4.38
C ALA A 505 22.33 -4.76 5.40
N LEU A 506 22.41 -3.53 4.97
CA LEU A 506 22.23 -2.43 5.86
C LEU A 506 20.74 -2.14 6.08
N ILE A 507 20.40 -1.82 7.31
CA ILE A 507 19.06 -1.29 7.61
C ILE A 507 19.09 0.24 7.76
N GLU A 508 17.92 0.84 7.68
CA GLU A 508 17.78 2.26 7.88
C GLU A 508 17.88 2.62 9.35
N SER A 509 18.74 3.57 9.65
CA SER A 509 18.82 4.21 10.95
C SER A 509 17.59 5.06 11.23
N ASN A 510 17.54 5.64 12.42
CA ASN A 510 16.38 6.42 12.89
C ASN A 510 16.63 7.91 12.68
N LEU A 511 17.74 8.24 12.00
CA LEU A 511 18.10 9.62 11.74
C LEU A 511 16.96 10.37 11.07
N ARG A 512 16.38 9.77 10.05
CA ARG A 512 15.28 10.42 9.36
C ARG A 512 14.18 10.88 10.32
N GLU A 513 13.78 9.99 11.23
CA GLU A 513 12.64 10.24 12.12
C GLU A 513 13.01 11.29 13.13
N ALA A 514 14.16 11.09 13.78
CA ALA A 514 14.68 12.02 14.74
C ALA A 514 14.78 13.44 14.17
N ALA A 515 15.34 13.58 12.99
CA ALA A 515 15.45 14.86 12.35
C ALA A 515 14.09 15.46 12.00
N THR A 516 13.12 14.61 11.74
CA THR A 516 11.76 15.06 11.48
C THR A 516 11.07 15.66 12.74
N LEU A 517 11.48 15.21 13.92
CA LEU A 517 11.04 15.81 15.14
C LEU A 517 11.76 17.12 15.46
N SER A 518 13.08 17.20 15.21
CA SER A 518 13.89 18.28 15.82
C SER A 518 14.41 19.32 14.87
N LEU A 519 14.29 19.10 13.56
CA LEU A 519 14.90 20.02 12.61
C LEU A 519 14.03 20.42 11.43
N THR A 520 13.22 19.49 10.88
CA THR A 520 12.47 19.75 9.63
C THR A 520 11.33 20.78 9.75
N ASN A 521 10.90 21.04 10.97
CA ASN A 521 9.67 21.79 11.23
C ASN A 521 9.89 23.29 11.25
N GLU A 522 8.79 24.00 11.14
CA GLU A 522 8.83 25.46 11.17
C GLU A 522 9.13 25.92 12.59
N PRO A 523 9.52 27.19 12.73
CA PRO A 523 9.91 27.68 14.04
C PRO A 523 8.78 27.45 15.05
N GLY A 524 9.10 26.90 16.21
CA GLY A 524 8.08 26.68 17.25
C GLY A 524 7.63 25.24 17.31
N LYS A 525 7.74 24.54 16.18
CA LYS A 525 7.28 23.16 16.11
C LYS A 525 8.42 22.12 16.15
N ASN A 526 9.67 22.54 16.31
CA ASN A 526 10.79 21.60 16.44
C ASN A 526 11.00 21.17 17.89
N LYS A 527 11.36 19.92 18.10
CA LYS A 527 11.76 19.44 19.42
C LYS A 527 13.22 19.81 19.65
N PRO A 528 13.69 19.64 20.88
CA PRO A 528 15.12 19.88 21.10
C PRO A 528 16.03 18.83 20.39
N LEU A 529 17.26 19.27 20.10
CA LEU A 529 18.23 18.49 19.37
C LEU A 529 18.85 17.35 20.17
N THR A 530 18.49 17.23 21.44
CA THR A 530 19.01 16.15 22.30
C THR A 530 18.62 14.79 21.73
N ASN A 531 17.58 14.75 20.91
CA ASN A 531 17.19 13.46 20.30
C ASN A 531 18.14 13.00 19.17
N MET A 532 19.09 13.85 18.79
CA MET A 532 20.03 13.52 17.74
C MET A 532 21.31 12.95 18.29
N LEU A 533 21.41 12.84 19.60
CA LEU A 533 22.61 12.32 20.27
C LEU A 533 22.80 10.82 20.13
N GLN A 534 21.69 10.10 20.12
CA GLN A 534 21.73 8.67 19.98
C GLN A 534 20.80 8.30 18.87
N ASP A 535 21.16 7.26 18.14
CA ASP A 535 20.31 6.73 17.07
C ASP A 535 19.61 5.50 17.63
N VAL A 536 18.31 5.65 17.86
CA VAL A 536 17.55 4.62 18.58
C VAL A 536 16.30 4.24 17.81
N ASP A 537 16.09 2.93 17.67
CA ASP A 537 14.95 2.35 16.97
C ASP A 537 14.00 1.61 17.96
N GLY A 538 12.88 2.24 18.27
CA GLY A 538 11.96 1.72 19.27
C GLY A 538 12.68 1.28 20.52
N GLY A 539 13.50 2.17 21.06
CA GLY A 539 14.22 1.90 22.31
C GLY A 539 15.50 1.09 22.18
N THR A 540 15.73 0.47 21.02
CA THR A 540 17.00 -0.25 20.83
C THR A 540 18.04 0.65 20.13
N LEU A 541 19.27 0.58 20.64
CA LEU A 541 20.32 1.46 20.21
C LEU A 541 20.97 0.93 18.95
N ILE A 542 21.05 1.76 17.91
CA ILE A 542 21.84 1.45 16.73
C ILE A 542 23.29 1.95 16.90
N THR A 543 23.43 3.24 17.26
CA THR A 543 24.71 3.79 17.65
C THR A 543 24.50 5.04 18.51
N ASP A 544 25.51 5.37 19.31
CA ASP A 544 25.46 6.52 20.20
C ASP A 544 26.58 7.44 19.78
N HIS A 545 26.25 8.67 19.44
CA HIS A 545 27.26 9.63 18.97
C HIS A 545 27.98 10.39 20.05
N THR A 546 27.51 10.31 21.31
CA THR A 546 28.00 11.18 22.40
C THR A 546 29.46 10.95 22.70
N GLN A 547 29.86 9.70 22.71
CA GLN A 547 31.23 9.38 23.07
C GLN A 547 31.63 8.08 22.37
N ASN A 548 31.59 8.13 21.05
CA ASN A 548 31.82 6.96 20.21
C ASN A 548 33.28 6.76 19.87
N SER A 549 33.90 5.78 20.53
CA SER A 549 35.31 5.54 20.42
C SER A 549 35.65 4.08 20.08
N THR A 550 34.70 3.32 19.59
CA THR A 550 34.85 1.89 19.37
C THR A 550 34.57 1.59 17.92
N GLU A 551 34.76 0.35 17.51
CA GLU A 551 34.41 -0.06 16.18
C GLU A 551 33.71 -1.44 16.24
N ASN A 552 32.93 -1.74 15.20
CA ASN A 552 32.23 -3.02 15.04
C ASN A 552 31.21 -3.24 16.13
N GLN A 553 30.66 -2.16 16.64
CA GLN A 553 29.68 -2.27 17.73
C GLN A 553 28.30 -1.99 17.14
N ALA A 554 28.20 -0.94 16.35
CA ALA A 554 26.90 -0.49 15.87
C ALA A 554 26.30 -1.46 14.81
N THR A 555 24.99 -1.42 14.66
CA THR A 555 24.34 -2.19 13.61
C THR A 555 24.59 -1.50 12.27
N PRO A 556 25.17 -2.22 11.30
CA PRO A 556 25.41 -1.57 10.01
C PRO A 556 24.14 -0.96 9.46
N ASN A 557 24.21 0.32 9.17
CA ASN A 557 23.03 1.04 8.74
C ASN A 557 23.29 2.15 7.76
N TYR A 558 22.23 2.60 7.08
CA TYR A 558 22.27 3.76 6.28
C TYR A 558 21.36 4.87 6.83
N SER A 559 21.79 6.13 6.71
CA SER A 559 21.02 7.27 7.19
C SER A 559 20.59 8.14 6.04
N ILE A 560 19.36 8.65 6.10
CA ILE A 560 18.81 9.52 5.06
C ILE A 560 17.90 10.51 5.70
N ILE A 561 17.51 11.51 4.90
CA ILE A 561 16.43 12.36 5.29
C ILE A 561 15.24 12.24 4.33
N HIS A 562 15.52 12.20 3.04
CA HIS A 562 14.52 12.05 2.00
C HIS A 562 14.86 10.84 1.17
N ALA A 563 13.84 10.36 0.47
CA ALA A 563 14.03 9.37 -0.56
C ALA A 563 12.93 9.56 -1.61
N HIS A 564 12.98 8.82 -2.72
CA HIS A 564 11.95 8.99 -3.76
C HIS A 564 10.55 8.91 -3.15
N ASP A 565 10.33 8.01 -2.19
CA ASP A 565 9.08 7.98 -1.45
C ASP A 565 9.15 8.78 -0.12
N LYS A 566 10.10 8.48 0.72
CA LYS A 566 10.14 8.94 2.11
C LYS A 566 10.24 10.44 2.28
N GLY A 567 9.17 11.03 2.79
CA GLY A 567 9.15 12.45 3.12
C GLY A 567 9.10 13.34 1.90
N VAL A 568 8.66 12.81 0.78
CA VAL A 568 8.59 13.63 -0.42
C VAL A 568 7.25 13.55 -1.11
N GLN A 569 6.83 12.33 -1.39
CA GLN A 569 5.70 12.18 -2.34
C GLN A 569 4.42 12.75 -1.77
N GLU A 570 4.29 12.70 -0.45
CA GLU A 570 3.12 13.24 0.17
C GLU A 570 3.13 14.74 0.26
N LYS A 571 4.29 15.37 0.27
CA LYS A 571 4.37 16.85 0.31
C LYS A 571 4.30 17.46 -1.09
N VAL A 572 4.77 16.73 -2.08
CA VAL A 572 4.58 17.13 -3.48
C VAL A 572 3.11 16.90 -3.85
N GLY A 573 2.59 15.73 -3.46
CA GLY A 573 1.15 15.45 -3.61
C GLY A 573 0.30 16.62 -3.14
N ALA A 574 0.70 17.21 -2.02
CA ALA A 574 -0.06 18.26 -1.36
C ALA A 574 -0.04 19.52 -2.18
N ALA A 575 1.05 19.75 -2.86
CA ALA A 575 1.18 20.98 -3.61
C ALA A 575 0.48 20.85 -4.97
N ILE A 576 0.36 19.62 -5.47
CA ILE A 576 -0.36 19.42 -6.72
C ILE A 576 -1.80 19.69 -6.39
N THR A 577 -2.31 18.91 -5.45
CA THR A 577 -3.67 19.06 -4.96
C THR A 577 -3.95 20.53 -4.75
N ASP A 578 -3.11 21.21 -3.99
CA ASP A 578 -3.34 22.64 -3.77
C ASP A 578 -3.40 23.45 -5.06
N ALA A 579 -2.36 23.37 -5.89
CA ALA A 579 -2.28 24.23 -7.09
C ALA A 579 -3.27 23.90 -8.21
N THR A 580 -3.86 22.72 -8.20
CA THR A 580 -4.68 22.28 -9.33
C THR A 580 -6.00 21.74 -8.85
N GLY A 581 -5.95 20.65 -8.10
CA GLY A 581 -7.14 19.99 -7.62
C GLY A 581 -6.96 18.50 -7.52
N ALA A 582 -6.07 17.92 -8.34
CA ALA A 582 -5.99 16.46 -8.47
C ALA A 582 -5.55 15.74 -7.19
N ASP A 583 -5.80 14.44 -7.19
CA ASP A 583 -5.39 13.56 -6.09
C ASP A 583 -3.94 13.13 -6.35
N TRP A 584 -3.23 12.87 -5.25
CA TRP A 584 -1.77 12.66 -5.30
C TRP A 584 -1.28 11.35 -5.98
N THR A 585 -2.15 10.39 -6.32
CA THR A 585 -1.73 9.16 -7.09
C THR A 585 -2.24 9.06 -8.55
N ASN A 586 -3.06 10.02 -8.99
CA ASN A 586 -3.48 10.15 -10.42
C ASN A 586 -3.86 11.60 -10.85
N PHE A 587 -3.24 12.05 -11.94
CA PHE A 587 -3.25 13.48 -12.38
C PHE A 587 -2.50 13.56 -13.71
N THR A 588 -2.62 14.69 -14.41
CA THR A 588 -1.89 14.85 -15.69
C THR A 588 -0.51 15.45 -15.51
N ASP A 589 0.33 15.23 -16.51
CA ASP A 589 1.66 15.82 -16.59
C ASP A 589 1.61 17.36 -16.57
N GLU A 590 0.50 17.99 -16.94
CA GLU A 590 0.46 19.46 -16.89
C GLU A 590 0.13 19.86 -15.49
N GLN A 591 -0.71 19.08 -14.84
CA GLN A 591 -1.02 19.30 -13.45
C GLN A 591 0.23 19.11 -12.56
N LEU A 592 0.93 18.00 -12.78
CA LEU A 592 2.22 17.76 -12.16
C LEU A 592 3.17 18.97 -12.28
N LYS A 593 3.34 19.46 -13.48
CA LYS A 593 4.21 20.59 -13.74
C LYS A 593 3.85 21.78 -12.84
N ALA A 594 2.57 22.08 -12.79
CA ALA A 594 2.12 23.27 -12.08
C ALA A 594 2.37 23.05 -10.60
N GLY A 595 2.09 21.85 -10.12
CA GLY A 595 2.34 21.50 -8.72
C GLY A 595 3.81 21.67 -8.36
N LEU A 596 4.71 21.25 -9.26
CA LEU A 596 6.14 21.36 -9.01
C LEU A 596 6.59 22.79 -9.05
N GLU A 597 6.02 23.60 -9.94
CA GLU A 597 6.34 25.03 -9.96
C GLU A 597 6.14 25.62 -8.55
N LEU A 598 5.01 25.31 -7.94
CA LEU A 598 4.71 25.81 -6.62
C LEU A 598 5.67 25.21 -5.59
N PHE A 599 5.94 23.92 -5.74
CA PHE A 599 6.75 23.17 -4.80
C PHE A 599 8.13 23.81 -4.65
N TYR A 600 8.72 24.20 -5.77
CA TYR A 600 10.06 24.76 -5.75
C TYR A 600 10.07 26.24 -5.40
N LYS A 601 8.97 26.97 -5.65
CA LYS A 601 8.95 28.37 -5.21
C LYS A 601 8.97 28.34 -3.70
N ASP A 602 8.17 27.43 -3.13
CA ASP A 602 8.11 27.17 -1.70
C ASP A 602 9.45 26.64 -1.09
N GLN A 603 10.11 25.71 -1.78
CA GLN A 603 11.39 25.20 -1.30
C GLN A 603 12.44 26.33 -1.24
N ARG A 604 12.34 27.29 -2.15
CA ARG A 604 13.31 28.38 -2.18
C ARG A 604 13.00 29.56 -1.25
N ALA A 605 11.90 29.48 -0.51
CA ALA A 605 11.47 30.55 0.36
C ALA A 605 11.93 30.27 1.76
N THR A 606 12.01 31.32 2.57
CA THR A 606 12.37 31.15 3.96
C THR A 606 11.25 30.50 4.73
N ASN A 607 10.03 30.90 4.43
CA ASN A 607 8.84 30.29 5.04
C ASN A 607 8.30 29.16 4.18
N LYS A 608 8.08 27.98 4.76
CA LYS A 608 7.80 26.78 3.95
C LYS A 608 6.53 25.99 4.36
N LYS A 609 5.51 25.99 3.49
CA LYS A 609 4.26 25.23 3.77
C LYS A 609 4.45 23.75 3.53
N TYR A 610 5.10 23.42 2.41
CA TYR A 610 5.26 22.02 2.01
C TYR A 610 6.62 21.44 2.32
N ASN A 611 7.68 22.23 2.19
CA ASN A 611 9.05 21.73 2.32
C ASN A 611 9.68 21.68 3.72
N SER A 612 10.59 20.72 3.86
CA SER A 612 11.44 20.55 5.03
C SER A 612 12.37 21.78 5.31
N TYR A 613 12.51 22.10 6.58
CA TYR A 613 13.43 23.10 7.06
C TYR A 613 14.76 22.44 7.42
N ASN A 614 15.87 23.18 7.31
CA ASN A 614 17.18 22.75 7.86
C ASN A 614 17.78 21.51 7.13
N ILE A 615 17.60 21.48 5.82
CA ILE A 615 18.09 20.39 5.02
C ILE A 615 19.62 20.28 5.01
N PRO A 616 20.31 21.38 4.73
CA PRO A 616 21.77 21.34 4.86
C PRO A 616 22.26 20.86 6.23
N SER A 617 21.66 21.33 7.31
CA SER A 617 22.08 20.89 8.63
C SER A 617 21.92 19.44 8.81
N ILE A 618 20.85 18.87 8.31
CA ILE A 618 20.58 17.45 8.51
C ILE A 618 21.60 16.58 7.75
N TYR A 619 21.87 16.99 6.52
CA TYR A 619 22.92 16.41 5.71
C TYR A 619 24.27 16.54 6.38
N ALA A 620 24.48 17.68 7.03
CA ALA A 620 25.70 17.87 7.81
C ALA A 620 25.87 16.76 8.84
N LEU A 621 24.78 16.46 9.54
CA LEU A 621 24.81 15.40 10.52
C LEU A 621 25.00 14.03 9.84
N MET A 622 24.24 13.76 8.80
CA MET A 622 24.39 12.48 8.09
C MET A 622 25.83 12.24 7.59
N LEU A 623 26.43 13.30 7.05
CA LEU A 623 27.72 13.16 6.41
C LEU A 623 28.88 13.28 7.35
N THR A 624 28.62 13.59 8.62
CA THR A 624 29.68 13.62 9.61
C THR A 624 29.54 12.63 10.73
N ASN A 625 28.36 12.13 11.00
CA ASN A 625 28.21 11.07 11.98
C ASN A 625 29.02 9.81 11.64
N LYS A 626 29.49 9.20 12.73
CA LYS A 626 30.19 7.96 12.72
C LYS A 626 29.18 6.79 12.71
N ASP A 627 29.65 5.62 12.25
CA ASP A 627 28.84 4.41 12.28
C ASP A 627 27.53 4.51 11.43
N THR A 628 27.67 4.94 10.20
CA THR A 628 26.58 5.00 9.22
C THR A 628 27.13 5.11 7.81
N VAL A 629 26.37 4.60 6.86
CA VAL A 629 26.62 4.86 5.46
C VAL A 629 25.52 5.79 5.02
N PRO A 630 25.87 7.05 4.69
CA PRO A 630 24.81 7.96 4.24
C PRO A 630 24.34 7.67 2.81
N ARG A 631 23.09 8.03 2.55
CA ARG A 631 22.57 7.98 1.20
C ARG A 631 22.01 9.34 0.87
N MET A 632 22.63 9.96 -0.13
CA MET A 632 22.17 11.21 -0.70
C MET A 632 20.95 10.99 -1.60
N TYR A 633 20.00 11.94 -1.54
CA TYR A 633 18.85 11.91 -2.41
C TYR A 633 18.95 12.90 -3.56
N TYR A 634 18.88 12.38 -4.81
CA TYR A 634 18.84 13.16 -6.01
C TYR A 634 18.03 14.46 -5.84
N GLY A 635 16.80 14.31 -5.36
CA GLY A 635 15.87 15.42 -5.29
C GLY A 635 16.22 16.48 -4.25
N ASP A 636 17.13 16.16 -3.34
CA ASP A 636 17.72 17.22 -2.49
C ASP A 636 18.83 18.05 -3.18
N MET A 637 19.37 17.55 -4.28
CA MET A 637 20.37 18.25 -5.04
C MET A 637 19.92 18.81 -6.39
N TYR A 638 18.86 18.24 -6.96
CA TYR A 638 18.31 18.68 -8.24
C TYR A 638 16.78 18.81 -8.14
N GLN A 639 16.19 19.56 -9.06
CA GLN A 639 14.78 19.86 -9.05
C GLN A 639 14.08 19.20 -10.24
N ASP A 640 12.91 18.63 -9.95
CA ASP A 640 12.11 17.97 -10.94
C ASP A 640 11.34 18.88 -11.89
N ASP A 641 11.42 20.20 -11.70
CA ASP A 641 10.89 21.13 -12.72
C ASP A 641 11.87 21.24 -13.90
N GLY A 642 13.01 20.54 -13.82
CA GLY A 642 13.90 20.34 -14.94
C GLY A 642 14.08 18.85 -15.24
N GLN A 643 14.58 18.60 -16.44
CA GLN A 643 15.07 17.28 -16.84
C GLN A 643 16.18 16.80 -15.90
N TYR A 644 16.59 15.55 -16.06
CA TYR A 644 17.50 14.93 -15.12
C TYR A 644 18.79 15.74 -14.98
N MET A 645 19.09 16.21 -13.76
CA MET A 645 20.33 16.99 -13.45
C MET A 645 20.41 18.36 -14.11
N ALA A 646 19.33 18.83 -14.70
CA ALA A 646 19.38 20.11 -15.39
C ALA A 646 19.31 21.28 -14.41
N ASN A 647 18.46 21.16 -13.38
CA ASN A 647 18.18 22.29 -12.45
C ASN A 647 18.61 22.04 -11.03
N LYS A 648 19.65 22.73 -10.60
CA LYS A 648 20.17 22.48 -9.27
C LYS A 648 19.23 22.97 -8.19
N SER A 649 19.21 22.29 -7.06
CA SER A 649 18.43 22.80 -5.97
C SER A 649 19.16 23.89 -5.27
N ILE A 650 18.46 24.54 -4.37
CA ILE A 650 19.09 25.63 -3.61
C ILE A 650 20.09 25.07 -2.61
N TYR A 651 19.99 23.78 -2.29
CA TYR A 651 20.91 23.13 -1.34
C TYR A 651 22.17 22.58 -2.00
N TYR A 652 22.23 22.63 -3.33
CA TYR A 652 23.27 21.92 -4.09
C TYR A 652 24.69 22.17 -3.54
N ASP A 653 25.05 23.45 -3.39
CA ASP A 653 26.41 23.85 -3.08
C ASP A 653 26.82 23.41 -1.69
N ALA A 654 25.92 23.56 -0.73
CA ALA A 654 26.21 23.10 0.64
C ALA A 654 26.40 21.57 0.70
N LEU A 655 25.61 20.82 -0.05
CA LEU A 655 25.73 19.38 0.02
C LEU A 655 26.98 18.91 -0.70
N VAL A 656 27.32 19.60 -1.79
CA VAL A 656 28.62 19.37 -2.41
C VAL A 656 29.75 19.62 -1.40
N SER A 657 29.71 20.77 -0.75
CA SER A 657 30.80 21.12 0.14
C SER A 657 30.91 20.12 1.30
N LEU A 658 29.78 19.61 1.80
CA LEU A 658 29.83 18.57 2.85
C LEU A 658 30.38 17.21 2.39
N MET A 659 30.01 16.81 1.18
CA MET A 659 30.52 15.52 0.62
C MET A 659 31.99 15.61 0.45
N THR A 660 32.43 16.78 -0.01
CA THR A 660 33.84 17.05 -0.31
C THR A 660 34.66 17.02 0.93
N ALA A 661 34.20 17.73 1.94
CA ALA A 661 34.82 17.64 3.25
C ALA A 661 34.76 16.25 3.90
N ARG A 662 33.71 15.50 3.65
CA ARG A 662 33.60 14.21 4.25
C ARG A 662 34.77 13.36 3.81
N LYS A 663 35.05 13.35 2.52
CA LYS A 663 36.09 12.49 1.93
C LYS A 663 37.47 12.94 2.44
N SER A 664 37.67 14.25 2.55
CA SER A 664 38.99 14.77 2.85
C SER A 664 39.31 14.69 4.34
N TYR A 665 38.29 14.82 5.18
CA TYR A 665 38.52 15.04 6.61
C TYR A 665 37.89 14.08 7.63
N VAL A 666 36.80 13.42 7.27
CA VAL A 666 35.98 12.78 8.28
C VAL A 666 36.53 11.41 8.57
N SER A 667 37.04 11.24 9.79
CA SER A 667 37.45 9.92 10.28
CA SER A 667 37.58 9.98 10.25
C SER A 667 37.69 9.97 11.77
N GLY A 668 37.98 8.80 12.32
CA GLY A 668 38.20 8.68 13.73
C GLY A 668 36.92 8.69 14.57
N GLY A 669 37.09 8.80 15.87
CA GLY A 669 35.97 8.75 16.78
C GLY A 669 35.15 10.01 16.81
N GLN A 670 34.16 10.01 17.68
CA GLN A 670 33.15 11.05 17.68
C GLN A 670 32.71 11.35 19.06
N THR A 671 32.46 12.63 19.33
CA THR A 671 31.70 13.05 20.48
C THR A 671 30.57 13.89 20.00
N MET A 672 29.56 14.05 20.83
CA MET A 672 28.48 14.94 20.52
C MET A 672 27.80 15.27 21.84
N SER A 673 27.37 16.53 21.96
CA SER A 673 26.62 17.01 23.11
C SER A 673 25.74 18.22 22.76
N VAL A 674 24.80 18.56 23.64
CA VAL A 674 23.98 19.76 23.43
C VAL A 674 24.24 20.70 24.56
N ASP A 675 24.61 21.94 24.24
CA ASP A 675 24.94 22.89 25.28
C ASP A 675 23.69 23.58 25.83
N ASN A 676 23.88 24.41 26.83
CA ASN A 676 22.76 25.11 27.49
C ASN A 676 22.12 26.19 26.63
N HIS A 677 22.66 26.46 25.45
CA HIS A 677 21.96 27.31 24.49
C HIS A 677 21.18 26.47 23.46
N GLY A 678 21.22 25.14 23.59
CA GLY A 678 20.47 24.26 22.67
C GLY A 678 21.15 24.00 21.34
N LEU A 679 22.46 24.24 21.33
CA LEU A 679 23.29 24.01 20.13
C LEU A 679 23.87 22.65 20.24
N LEU A 680 23.77 21.90 19.14
CA LEU A 680 24.36 20.58 19.00
C LEU A 680 25.80 20.73 18.51
N LYS A 681 26.73 20.03 19.18
CA LYS A 681 28.15 20.17 18.96
C LYS A 681 28.69 18.81 18.65
N SER A 682 29.09 18.61 17.40
CA SER A 682 29.56 17.32 16.96
C SER A 682 30.99 17.43 16.48
N VAL A 683 31.83 16.50 16.93
CA VAL A 683 33.23 16.51 16.58
C VAL A 683 33.70 15.15 16.04
N ARG A 684 34.52 15.16 15.00
CA ARG A 684 35.27 13.94 14.62
C ARG A 684 36.74 14.24 14.77
N PHE A 685 37.52 13.28 15.26
CA PHE A 685 38.91 13.57 15.70
C PHE A 685 39.96 13.43 14.59
N GLY A 686 39.62 12.74 13.52
CA GLY A 686 40.57 12.45 12.50
C GLY A 686 41.13 11.06 12.69
N LYS A 687 41.66 10.48 11.62
CA LYS A 687 42.11 9.10 11.62
C LYS A 687 43.06 8.79 12.77
N ASP A 688 42.87 7.61 13.35
CA ASP A 688 43.67 7.05 14.44
C ASP A 688 43.42 7.68 15.80
N ALA A 689 42.43 8.55 15.93
CA ALA A 689 42.09 9.08 17.21
C ALA A 689 40.62 8.78 17.51
N MET A 690 40.38 7.95 18.53
CA MET A 690 39.03 7.52 18.88
C MET A 690 38.39 8.39 19.95
N THR A 691 39.22 9.12 20.71
CA THR A 691 38.71 10.02 21.75
C THR A 691 39.40 11.38 21.75
N ALA A 692 38.83 12.31 22.51
CA ALA A 692 39.37 13.68 22.69
C ALA A 692 40.76 13.72 23.31
N ASN A 693 41.16 12.64 24.00
CA ASN A 693 42.44 12.57 24.66
C ASN A 693 43.53 11.92 23.82
N ASP A 694 43.18 11.19 22.75
CA ASP A 694 44.20 10.48 21.93
C ASP A 694 45.04 11.46 21.15
N LEU A 695 46.34 11.19 21.08
CA LEU A 695 47.30 12.09 20.45
C LEU A 695 47.33 11.81 18.97
N GLY A 696 46.92 10.60 18.60
CA GLY A 696 46.85 10.19 17.21
C GLY A 696 48.19 9.92 16.57
N THR A 697 48.27 10.21 15.27
CA THR A 697 49.45 10.04 14.43
C THR A 697 49.55 11.20 13.46
N SER A 698 50.52 11.17 12.55
CA SER A 698 50.75 12.34 11.72
C SER A 698 49.58 12.56 10.79
N ALA A 699 48.88 11.47 10.44
CA ALA A 699 47.65 11.57 9.67
C ALA A 699 46.52 12.36 10.38
N THR A 700 46.44 12.26 11.68
CA THR A 700 45.40 12.90 12.46
C THR A 700 45.37 14.44 12.41
N ARG A 701 46.53 15.07 12.34
CA ARG A 701 46.63 16.52 12.51
C ARG A 701 45.69 17.31 11.59
N THR A 702 45.70 16.97 10.31
CA THR A 702 44.93 17.64 9.29
C THR A 702 43.63 16.91 8.92
N GLU A 703 43.10 16.15 9.85
CA GLU A 703 41.85 15.45 9.66
C GLU A 703 40.91 15.74 10.84
N GLY A 704 39.69 15.24 10.74
CA GLY A 704 38.65 15.55 11.71
C GLY A 704 37.93 16.82 11.34
N LEU A 705 36.84 17.11 12.05
CA LEU A 705 36.14 18.37 11.93
C LEU A 705 35.12 18.59 13.06
N GLY A 706 34.55 19.79 13.09
CA GLY A 706 33.60 20.17 14.09
C GLY A 706 32.34 20.65 13.40
N VAL A 707 31.20 20.27 13.97
CA VAL A 707 29.92 20.77 13.52
C VAL A 707 29.12 21.45 14.64
N ILE A 708 28.50 22.59 14.32
CA ILE A 708 27.63 23.30 15.25
C ILE A 708 26.29 23.54 14.60
N ILE A 709 25.23 23.07 15.26
CA ILE A 709 23.87 23.18 14.68
C ILE A 709 22.84 23.73 15.66
N GLY A 710 22.00 24.62 15.19
CA GLY A 710 20.91 25.16 16.02
C GLY A 710 19.61 25.06 15.25
N ASN A 711 18.52 24.74 15.95
CA ASN A 711 17.19 24.75 15.34
C ASN A 711 16.32 25.93 15.76
N ASP A 712 16.93 27.00 16.26
CA ASP A 712 16.15 28.15 16.71
C ASP A 712 16.67 29.42 16.05
N PRO A 713 15.89 29.95 15.11
CA PRO A 713 16.33 31.14 14.36
C PRO A 713 16.35 32.46 15.16
N LYS A 714 15.83 32.45 16.40
CA LYS A 714 15.80 33.67 17.25
C LYS A 714 16.90 33.61 18.34
N LEU A 715 17.73 32.57 18.26
CA LEU A 715 18.81 32.40 19.18
C LEU A 715 19.74 33.62 19.17
N GLN A 716 20.04 34.11 20.36
CA GLN A 716 21.03 35.14 20.58
C GLN A 716 21.74 34.78 21.86
N LEU A 717 23.06 34.89 21.83
CA LEU A 717 23.85 34.62 22.99
C LEU A 717 24.09 35.96 23.68
N ASN A 718 24.25 35.92 24.99
CA ASN A 718 24.81 37.04 25.69
C ASN A 718 26.23 37.37 25.24
N ASP A 719 26.61 38.62 25.45
CA ASP A 719 27.95 39.11 25.22
C ASP A 719 29.03 38.30 25.92
N SER A 720 28.72 37.68 27.04
CA SER A 720 29.70 36.91 27.82
C SER A 720 29.69 35.40 27.51
N ASP A 721 28.76 34.93 26.71
CA ASP A 721 28.67 33.50 26.46
C ASP A 721 29.64 33.02 25.41
N LYS A 722 30.02 31.75 25.55
CA LYS A 722 30.95 31.07 24.67
C LYS A 722 30.34 29.75 24.23
N VAL A 723 30.49 29.46 22.94
CA VAL A 723 30.24 28.14 22.40
C VAL A 723 31.59 27.50 22.04
N THR A 724 31.77 26.29 22.53
CA THR A 724 33.07 25.64 22.48
C THR A 724 32.98 24.28 21.79
N LEU A 725 33.91 24.06 20.89
CA LEU A 725 34.07 22.75 20.24
C LEU A 725 35.42 22.18 20.70
N ASP A 726 35.37 20.99 21.28
CA ASP A 726 36.52 20.34 21.82
C ASP A 726 37.06 19.44 20.74
N MET A 727 38.00 19.97 19.98
CA MET A 727 38.54 19.27 18.83
C MET A 727 39.50 18.16 19.21
N GLY A 728 40.04 18.17 20.42
CA GLY A 728 40.87 17.04 20.86
C GLY A 728 42.34 17.35 20.97
N ALA A 729 43.04 16.43 21.63
CA ALA A 729 44.45 16.59 21.99
C ALA A 729 45.35 16.57 20.77
N ALA A 730 44.90 15.96 19.70
CA ALA A 730 45.67 16.01 18.44
C ALA A 730 45.60 17.37 17.72
N HIS A 731 44.78 18.28 18.24
CA HIS A 731 44.49 19.54 17.55
C HIS A 731 44.66 20.74 18.43
N LYS A 732 45.70 20.68 19.27
CA LYS A 732 46.10 21.83 20.08
C LYS A 732 46.72 22.93 19.21
N ASN A 733 46.45 24.18 19.58
CA ASN A 733 47.05 25.33 18.90
C ASN A 733 47.02 25.27 17.36
N GLN A 734 45.85 25.05 16.80
CA GLN A 734 45.80 24.74 15.38
C GLN A 734 44.89 25.68 14.73
N LYS A 735 45.23 26.05 13.50
CA LYS A 735 44.33 26.85 12.66
C LYS A 735 43.26 25.97 11.97
N TYR A 736 42.01 26.43 12.05
CA TYR A 736 40.87 25.82 11.38
C TYR A 736 40.30 26.82 10.37
N ARG A 737 39.56 26.30 9.41
CA ARG A 737 38.91 27.12 8.42
C ARG A 737 37.53 26.57 8.19
N ALA A 738 36.64 27.40 7.70
CA ALA A 738 35.26 27.01 7.54
C ALA A 738 35.02 26.22 6.27
N VAL A 739 34.09 25.26 6.37
CA VAL A 739 33.46 24.63 5.24
C VAL A 739 32.08 25.26 4.98
N ILE A 740 31.31 25.44 6.07
CA ILE A 740 30.02 26.09 5.98
C ILE A 740 29.88 27.16 7.03
N LEU A 741 29.36 28.31 6.64
CA LEU A 741 28.99 29.33 7.61
C LEU A 741 27.59 29.83 7.33
N THR A 742 26.83 30.11 8.36
CA THR A 742 25.53 30.67 8.20
C THR A 742 25.65 32.17 7.92
N THR A 743 25.04 32.64 6.82
CA THR A 743 24.97 34.05 6.46
C THR A 743 23.53 34.49 6.57
N ARG A 744 23.29 35.78 6.34
CA ARG A 744 21.93 36.33 6.44
C ARG A 744 21.03 35.73 5.40
N ASP A 745 21.53 35.66 4.18
CA ASP A 745 20.76 35.22 3.02
C ASP A 745 20.80 33.69 2.79
N GLY A 746 21.77 32.99 3.39
CA GLY A 746 21.87 31.55 3.15
C GLY A 746 23.05 30.92 3.86
N LEU A 747 23.98 30.41 3.08
CA LEU A 747 25.11 29.70 3.61
C LEU A 747 26.29 29.97 2.77
N ALA A 748 27.41 30.28 3.39
CA ALA A 748 28.66 30.40 2.61
C ALA A 748 29.33 29.04 2.68
N THR A 749 29.86 28.63 1.56
CA THR A 749 30.48 27.32 1.37
C THR A 749 31.89 27.50 0.86
N PHE A 750 32.82 26.73 1.45
CA PHE A 750 34.24 26.80 1.13
C PHE A 750 34.81 25.39 0.94
N ASN A 751 35.42 25.14 -0.23
CA ASN A 751 36.00 23.85 -0.57
C ASN A 751 37.53 23.91 -0.65
N SER A 752 38.12 24.98 -0.11
CA SER A 752 39.59 25.07 0.09
C SER A 752 39.86 25.85 1.40
N ASP A 753 41.13 25.89 1.79
CA ASP A 753 41.58 26.62 2.93
C ASP A 753 41.43 28.11 2.80
N GLN A 754 41.06 28.63 1.64
CA GLN A 754 40.77 30.08 1.56
C GLN A 754 39.38 30.36 2.08
N ALA A 755 39.32 30.68 3.36
CA ALA A 755 38.08 30.74 4.06
C ALA A 755 38.33 31.43 5.35
N PRO A 756 37.29 31.87 6.04
CA PRO A 756 37.52 32.45 7.38
C PRO A 756 38.14 31.37 8.28
N THR A 757 38.98 31.83 9.19
CA THR A 757 39.77 30.94 9.99
C THR A 757 39.52 31.24 11.46
N ALA A 758 39.86 30.23 12.27
CA ALA A 758 39.75 30.28 13.72
C ALA A 758 40.80 29.35 14.30
N TRP A 759 41.18 29.58 15.54
CA TRP A 759 42.32 28.91 16.16
C TRP A 759 41.84 28.15 17.38
N THR A 760 42.40 26.98 17.62
CA THR A 760 42.12 26.31 18.88
C THR A 760 43.09 26.84 19.91
N ASN A 761 42.76 26.71 21.17
CA ASN A 761 43.67 27.06 22.22
C ASN A 761 44.58 25.89 22.56
N ASP A 762 45.32 26.01 23.67
CA ASP A 762 46.31 25.00 24.05
C ASP A 762 45.69 23.67 24.48
N GLN A 763 44.39 23.65 24.74
CA GLN A 763 43.65 22.39 24.99
C GLN A 763 42.97 21.75 23.74
N GLY A 764 42.92 22.48 22.63
CA GLY A 764 42.33 21.99 21.39
C GLY A 764 40.87 22.40 21.26
N THR A 765 40.49 23.47 21.93
CA THR A 765 39.13 23.93 21.96
C THR A 765 39.00 25.10 21.01
N LEU A 766 37.97 25.12 20.15
CA LEU A 766 37.66 26.29 19.30
C LEU A 766 36.60 27.02 20.08
N THR A 767 36.62 28.36 20.05
CA THR A 767 35.72 29.12 20.90
C THR A 767 35.00 30.14 20.07
N PHE A 768 33.67 30.06 20.08
CA PHE A 768 32.88 31.02 19.32
C PHE A 768 32.01 31.93 20.25
N SER A 769 31.48 33.00 19.70
CA SER A 769 30.58 33.84 20.45
C SER A 769 29.71 34.66 19.52
N ASN A 770 29.01 35.65 20.07
CA ASN A 770 28.19 36.53 19.26
C ASN A 770 28.99 37.55 18.47
N GLN A 771 30.29 37.63 18.73
CA GLN A 771 31.17 38.51 17.95
C GLN A 771 31.86 37.72 16.85
N GLU A 772 32.33 38.47 15.85
CA GLU A 772 33.18 37.94 14.82
C GLU A 772 34.52 37.52 15.42
N ILE A 773 35.05 36.43 14.92
CA ILE A 773 36.43 36.11 15.16
C ILE A 773 37.31 36.92 14.26
N ASN A 774 38.25 37.64 14.87
CA ASN A 774 39.24 38.40 14.10
C ASN A 774 38.65 39.21 12.93
N GLY A 775 37.54 39.86 13.20
CA GLY A 775 36.98 40.82 12.25
C GLY A 775 36.47 40.18 10.98
N GLN A 776 36.09 38.91 11.04
CA GLN A 776 35.56 38.14 9.89
C GLN A 776 34.06 37.92 9.97
N ASP A 777 33.39 38.36 8.93
CA ASP A 777 31.96 38.27 8.86
C ASP A 777 31.51 36.79 8.78
N ASN A 778 30.38 36.50 9.40
CA ASN A 778 29.77 35.18 9.44
C ASN A 778 30.45 34.13 10.28
N THR A 779 31.29 34.60 11.22
CA THR A 779 31.93 33.71 12.21
C THR A 779 31.23 33.74 13.55
N GLN A 780 30.33 34.69 13.71
CA GLN A 780 29.52 34.76 14.91
C GLN A 780 28.38 33.74 14.92
N ILE A 781 27.97 33.43 16.14
CA ILE A 781 26.87 32.57 16.38
C ILE A 781 25.68 33.38 16.73
N ARG A 782 24.61 33.16 15.98
CA ARG A 782 23.36 33.81 16.18
C ARG A 782 22.34 33.07 15.31
N GLY A 783 21.09 33.03 15.78
CA GLY A 783 19.98 32.49 15.02
C GLY A 783 19.69 33.31 13.78
N VAL A 784 19.40 32.62 12.67
CA VAL A 784 19.08 33.22 11.41
C VAL A 784 17.92 32.43 10.78
N ALA A 785 17.04 33.12 10.05
CA ALA A 785 15.94 32.49 9.32
C ALA A 785 16.15 32.82 7.87
N ASN A 786 16.45 31.77 7.09
CA ASN A 786 16.62 31.92 5.66
C ASN A 786 16.29 30.61 4.90
N PRO A 787 16.27 30.68 3.56
CA PRO A 787 15.84 29.49 2.82
C PRO A 787 16.64 28.20 3.12
N GLN A 788 17.89 28.34 3.53
CA GLN A 788 18.77 27.16 3.75
C GLN A 788 18.95 26.79 5.22
N VAL A 789 18.44 27.61 6.10
CA VAL A 789 18.66 27.33 7.50
C VAL A 789 17.65 28.09 8.34
N SER A 790 17.22 27.46 9.41
CA SER A 790 16.27 28.04 10.35
C SER A 790 16.83 27.68 11.70
N GLY A 791 17.70 28.55 12.22
CA GLY A 791 18.56 28.22 13.36
C GLY A 791 20.01 28.59 13.02
N TYR A 792 20.91 27.63 13.07
CA TYR A 792 22.32 27.91 12.80
C TYR A 792 23.05 26.67 12.29
N LEU A 793 24.05 26.89 11.43
CA LEU A 793 24.93 25.84 10.91
C LEU A 793 26.33 26.40 10.63
N ALA A 794 27.34 25.70 11.16
CA ALA A 794 28.71 25.98 10.85
C ALA A 794 29.50 24.67 10.90
N VAL A 795 30.41 24.51 9.93
CA VAL A 795 31.27 23.36 9.89
C VAL A 795 32.70 23.88 9.74
N TRP A 796 33.61 23.34 10.56
CA TRP A 796 35.00 23.78 10.58
C TRP A 796 35.96 22.58 10.39
N VAL A 797 37.01 22.76 9.58
CA VAL A 797 38.00 21.72 9.38
C VAL A 797 39.39 22.30 9.63
N PRO A 798 40.37 21.43 9.90
CA PRO A 798 41.73 21.91 10.12
C PRO A 798 42.39 22.37 8.83
N VAL A 799 43.14 23.46 8.91
CA VAL A 799 43.93 24.00 7.80
C VAL A 799 45.16 23.14 7.52
N GLY A 800 45.60 23.08 6.27
CA GLY A 800 46.89 22.48 5.94
C GLY A 800 46.82 21.07 5.38
N ALA A 801 45.66 20.63 4.97
CA ALA A 801 45.56 19.33 4.33
C ALA A 801 46.14 19.36 2.92
N SER A 802 46.81 18.29 2.51
CA SER A 802 47.33 18.21 1.15
C SER A 802 46.18 18.11 0.18
N ASP A 803 46.44 18.48 -1.07
CA ASP A 803 45.39 18.52 -2.09
C ASP A 803 44.80 17.13 -2.28
N ASN A 804 45.56 16.07 -2.00
CA ASN A 804 45.05 14.72 -2.28
C ASN A 804 44.60 13.96 -1.04
N GLN A 805 44.38 14.71 0.04
CA GLN A 805 44.15 14.08 1.33
C GLN A 805 42.84 13.30 1.30
N ASP A 806 42.91 12.04 1.67
CA ASP A 806 41.79 11.16 1.69
C ASP A 806 41.69 10.56 3.12
N ALA A 807 40.63 10.94 3.84
CA ALA A 807 40.44 10.50 5.20
C ALA A 807 39.87 9.09 5.34
N ARG A 808 39.55 8.46 4.21
CA ARG A 808 38.85 7.16 4.21
C ARG A 808 39.77 6.00 4.59
N THR A 809 39.18 4.88 4.97
CA THR A 809 39.92 3.73 5.41
C THR A 809 39.52 2.55 4.52
N ALA A 810 40.53 1.88 3.98
CA ALA A 810 40.38 0.71 3.09
C ALA A 810 39.98 -0.49 3.91
N ALA A 811 39.16 -1.31 3.29
CA ALA A 811 38.75 -2.56 3.90
C ALA A 811 39.93 -3.52 3.90
N THR A 812 39.97 -4.34 4.93
CA THR A 812 41.00 -5.36 5.06
C THR A 812 40.50 -6.69 4.58
N THR A 813 41.43 -7.53 4.18
CA THR A 813 41.13 -8.91 3.79
C THR A 813 41.15 -9.86 5.01
N THR A 814 41.15 -9.33 6.21
CA THR A 814 41.10 -10.14 7.41
C THR A 814 39.82 -11.00 7.41
N GLU A 815 39.96 -12.29 7.68
CA GLU A 815 38.81 -13.16 7.73
C GLU A 815 37.89 -12.81 8.92
N ASN A 816 36.58 -12.69 8.66
CA ASN A 816 35.60 -12.52 9.72
C ASN A 816 35.30 -13.86 10.39
N HIS A 817 35.07 -13.82 11.69
CA HIS A 817 34.84 -15.03 12.49
C HIS A 817 33.50 -15.00 13.25
N ASP A 818 32.88 -13.82 13.30
CA ASP A 818 31.74 -13.60 14.17
C ASP A 818 30.40 -13.90 13.52
N GLY A 819 30.43 -14.46 12.31
CA GLY A 819 29.22 -14.69 11.55
C GLY A 819 28.49 -13.48 11.02
N LYS A 820 29.09 -12.29 11.05
CA LYS A 820 28.43 -11.12 10.44
C LYS A 820 29.12 -10.77 9.12
N VAL A 821 28.29 -10.41 8.16
CA VAL A 821 28.75 -10.04 6.82
C VAL A 821 29.34 -8.63 6.85
N LEU A 822 28.51 -7.64 7.19
CA LEU A 822 28.93 -6.27 7.35
C LEU A 822 29.34 -5.97 8.79
N HIS A 823 30.24 -5.00 8.92
CA HIS A 823 30.70 -4.46 10.20
C HIS A 823 30.76 -2.95 10.14
N SER A 824 30.25 -2.28 11.16
CA SER A 824 30.21 -0.84 11.22
C SER A 824 31.53 -0.43 11.80
N ASN A 825 32.41 0.05 10.92
CA ASN A 825 33.69 0.64 11.29
C ASN A 825 34.15 1.65 10.23
N ALA A 826 35.39 2.09 10.35
CA ALA A 826 35.97 3.15 9.50
C ALA A 826 35.84 2.86 8.04
N ALA A 827 36.07 1.59 7.69
CA ALA A 827 36.05 1.21 6.31
C ALA A 827 34.64 1.27 5.76
N LEU A 828 33.70 0.69 6.50
CA LEU A 828 32.34 0.76 6.08
C LEU A 828 31.84 2.23 6.07
N ASP A 829 32.19 3.02 7.07
CA ASP A 829 31.84 4.45 7.10
C ASP A 829 32.39 5.21 5.89
N SER A 830 33.41 4.65 5.22
CA SER A 830 34.05 5.34 4.12
C SER A 830 33.19 5.31 2.87
N ASN A 831 32.11 4.54 2.95
CA ASN A 831 31.17 4.50 1.88
C ASN A 831 30.12 5.58 1.89
N LEU A 832 29.51 5.75 0.73
CA LEU A 832 28.51 6.76 0.52
C LEU A 832 27.66 6.32 -0.64
N ILE A 833 26.35 6.31 -0.40
CA ILE A 833 25.37 5.88 -1.38
C ILE A 833 24.67 7.08 -1.98
N TYR A 834 24.33 6.93 -3.26
CA TYR A 834 23.53 7.93 -3.96
C TYR A 834 22.30 7.32 -4.58
N GLU A 835 21.13 7.75 -4.11
CA GLU A 835 19.84 7.42 -4.71
C GLU A 835 19.53 8.34 -5.91
N GLY A 836 19.79 7.78 -7.10
CA GLY A 836 19.90 8.50 -8.37
C GLY A 836 18.64 8.77 -9.17
N PHE A 837 17.51 8.95 -8.45
CA PHE A 837 16.28 9.32 -9.11
C PHE A 837 15.27 9.94 -8.17
N SER A 838 14.23 10.46 -8.77
CA SER A 838 13.04 11.02 -8.10
C SER A 838 11.79 10.53 -8.83
N ASN A 839 10.70 10.34 -8.11
CA ASN A 839 9.43 9.96 -8.74
C ASN A 839 8.99 10.97 -9.82
N PHE A 840 9.19 12.24 -9.52
CA PHE A 840 8.53 13.29 -10.26
C PHE A 840 9.36 13.93 -11.36
N GLN A 841 10.45 13.29 -11.77
CA GLN A 841 11.14 13.67 -13.02
C GLN A 841 10.18 13.64 -14.20
N PRO A 842 10.34 14.57 -15.15
CA PRO A 842 9.47 14.61 -16.30
C PRO A 842 9.99 13.59 -17.27
N LYS A 843 9.22 13.33 -18.31
CA LYS A 843 9.61 12.44 -19.40
C LYS A 843 10.65 13.15 -20.18
N ALA A 844 11.59 12.37 -20.65
CA ALA A 844 12.64 12.87 -21.51
C ALA A 844 12.05 13.19 -22.87
N THR A 845 12.44 14.30 -23.47
CA THR A 845 11.95 14.61 -24.83
C THR A 845 12.97 14.21 -25.90
N THR A 846 14.23 14.02 -25.52
CA THR A 846 15.26 13.48 -26.43
C THR A 846 16.04 12.33 -25.79
N HIS A 847 16.77 11.62 -26.64
CA HIS A 847 17.75 10.66 -26.18
C HIS A 847 18.73 11.21 -25.08
N ASP A 848 19.29 12.38 -25.29
CA ASP A 848 20.29 12.93 -24.35
C ASP A 848 19.69 13.37 -23.04
N GLU A 849 18.38 13.49 -22.99
CA GLU A 849 17.75 13.86 -21.75
C GLU A 849 17.47 12.65 -20.88
N LEU A 850 17.57 11.45 -21.46
CA LEU A 850 17.19 10.24 -20.72
C LEU A 850 18.12 10.10 -19.53
N THR A 851 17.55 9.87 -18.36
CA THR A 851 18.27 9.69 -17.09
C THR A 851 19.55 8.87 -17.26
N ASN A 852 19.44 7.68 -17.82
CA ASN A 852 20.59 6.80 -17.82
C ASN A 852 21.67 7.27 -18.73
N VAL A 853 21.30 8.02 -19.75
CA VAL A 853 22.30 8.67 -20.63
C VAL A 853 23.04 9.78 -19.87
N VAL A 854 22.33 10.57 -19.05
CA VAL A 854 22.98 11.66 -18.31
C VAL A 854 23.88 11.13 -17.20
N ILE A 855 23.42 10.06 -16.58
CA ILE A 855 24.19 9.44 -15.52
C ILE A 855 25.52 9.02 -16.08
N ALA A 856 25.48 8.33 -17.19
CA ALA A 856 26.70 7.82 -17.82
C ALA A 856 27.67 8.96 -18.14
N LYS A 857 27.13 10.00 -18.75
CA LYS A 857 27.91 11.16 -19.10
C LYS A 857 28.47 11.81 -17.85
N ASN A 858 27.73 11.80 -16.75
CA ASN A 858 28.23 12.43 -15.53
C ASN A 858 28.90 11.51 -14.54
N ALA A 859 29.41 10.35 -14.97
CA ALA A 859 29.92 9.40 -13.98
C ALA A 859 31.02 9.94 -13.06
N ASP A 860 31.96 10.71 -13.59
CA ASP A 860 33.08 11.27 -12.82
C ASP A 860 32.63 12.23 -11.74
N VAL A 861 31.52 12.93 -11.95
CA VAL A 861 31.04 13.85 -10.97
C VAL A 861 30.70 13.09 -9.67
N PHE A 862 30.05 11.94 -9.80
CA PHE A 862 29.65 11.17 -8.61
C PHE A 862 30.87 10.69 -7.85
N ASN A 863 31.87 10.22 -8.60
CA ASN A 863 33.14 9.82 -7.98
C ASN A 863 33.81 10.96 -7.29
N ASN A 864 33.83 12.13 -7.93
CA ASN A 864 34.44 13.29 -7.29
CA ASN A 864 34.42 13.33 -7.32
C ASN A 864 33.78 13.61 -5.95
N TRP A 865 32.48 13.37 -5.83
CA TRP A 865 31.76 13.56 -4.59
C TRP A 865 31.98 12.47 -3.57
N GLY A 866 32.60 11.36 -3.96
CA GLY A 866 32.93 10.34 -2.99
C GLY A 866 31.85 9.27 -2.96
N ILE A 867 30.92 9.30 -3.90
CA ILE A 867 29.94 8.26 -3.95
C ILE A 867 30.71 6.93 -4.26
N THR A 868 30.42 5.87 -3.48
CA THR A 868 30.97 4.51 -3.75
C THR A 868 29.89 3.52 -4.20
N SER A 869 28.62 3.85 -3.95
CA SER A 869 27.51 3.02 -4.38
C SER A 869 26.44 3.85 -5.02
N PHE A 870 26.15 3.56 -6.28
CA PHE A 870 25.14 4.30 -7.01
C PHE A 870 23.87 3.47 -7.03
N GLU A 871 22.86 3.94 -6.30
CA GLU A 871 21.61 3.24 -6.24
C GLU A 871 20.70 3.73 -7.36
N MET A 872 20.53 2.88 -8.38
CA MET A 872 19.70 3.24 -9.54
C MET A 872 18.28 2.89 -9.24
N ALA A 873 17.41 3.61 -9.92
CA ALA A 873 16.02 3.33 -9.85
C ALA A 873 15.79 1.89 -10.31
N PRO A 874 14.62 1.34 -9.98
CA PRO A 874 14.28 0.05 -10.55
C PRO A 874 14.06 0.27 -12.03
N GLN A 875 14.63 -0.61 -12.83
CA GLN A 875 14.76 -0.37 -14.26
C GLN A 875 13.70 -1.10 -15.10
N TYR A 876 12.64 -1.62 -14.46
CA TYR A 876 11.60 -2.49 -15.13
C TYR A 876 10.61 -1.58 -15.76
N ARG A 877 10.10 -1.98 -16.94
CA ARG A 877 9.10 -1.20 -17.67
C ARG A 877 7.85 -1.04 -16.85
N SER A 878 7.37 0.19 -16.74
CA SER A 878 6.15 0.50 -16.04
C SER A 878 4.97 -0.17 -16.73
N SER A 879 4.02 -0.65 -15.95
CA SER A 879 2.76 -1.17 -16.48
C SER A 879 1.95 -0.05 -17.14
N GLY A 880 2.19 1.21 -16.78
CA GLY A 880 1.44 2.32 -17.34
C GLY A 880 -0.06 2.37 -17.01
N ASP A 881 -0.55 1.52 -16.11
CA ASP A 881 -1.98 1.40 -15.85
C ASP A 881 -2.64 2.48 -14.98
N HIS A 882 -1.84 3.32 -14.33
CA HIS A 882 -2.36 4.47 -13.54
C HIS A 882 -3.21 4.09 -12.31
N THR A 883 -3.05 2.86 -11.83
CA THR A 883 -3.77 2.35 -10.64
C THR A 883 -3.06 2.69 -9.37
N PHE A 884 -1.82 3.17 -9.49
CA PHE A 884 -1.08 3.74 -8.38
C PHE A 884 -0.14 4.84 -8.92
N LEU A 885 0.33 5.68 -8.00
CA LEU A 885 1.33 6.69 -8.31
C LEU A 885 2.48 6.12 -9.12
N ASP A 886 2.97 4.95 -8.72
CA ASP A 886 4.10 4.35 -9.42
C ASP A 886 3.87 4.06 -10.89
N SER A 887 2.65 3.72 -11.27
CA SER A 887 2.33 3.43 -12.67
C SER A 887 1.68 4.65 -13.36
N THR A 888 1.82 5.80 -12.76
CA THR A 888 1.35 7.06 -13.30
C THR A 888 2.57 7.92 -13.69
N ILE A 889 3.60 7.95 -12.82
CA ILE A 889 4.86 8.59 -13.14
C ILE A 889 5.92 7.57 -13.54
N ASP A 890 5.54 6.28 -13.59
CA ASP A 890 6.39 5.25 -14.22
C ASP A 890 7.82 5.24 -13.67
N ASN A 891 7.93 5.14 -12.36
CA ASN A 891 9.22 5.17 -11.71
C ASN A 891 9.90 3.78 -11.79
N GLY A 892 9.16 2.72 -12.08
CA GLY A 892 9.71 1.39 -12.26
C GLY A 892 9.37 0.41 -11.16
N TYR A 893 8.66 0.87 -10.12
CA TYR A 893 8.18 -0.06 -9.06
C TYR A 893 6.96 -0.89 -9.44
N ALA A 894 6.17 -0.38 -10.38
CA ALA A 894 4.92 -1.00 -10.81
C ALA A 894 5.13 -1.47 -12.22
N PHE A 895 5.23 -2.80 -12.37
CA PHE A 895 5.58 -3.43 -13.65
C PHE A 895 4.84 -4.77 -13.83
N THR A 896 4.72 -5.17 -15.07
CA THR A 896 4.12 -6.43 -15.47
C THR A 896 5.21 -7.49 -15.75
N ASP A 897 6.24 -7.08 -16.50
CA ASP A 897 7.29 -7.97 -16.99
C ASP A 897 8.57 -7.61 -16.29
N ARG A 898 8.95 -8.38 -15.31
CA ARG A 898 10.11 -7.98 -14.56
C ARG A 898 11.53 -8.22 -15.19
N TYR A 899 11.58 -8.86 -16.34
CA TYR A 899 12.80 -9.04 -17.06
C TYR A 899 12.96 -7.95 -18.14
N ASP A 900 11.94 -7.13 -18.32
CA ASP A 900 11.98 -6.14 -19.40
C ASP A 900 12.54 -4.82 -18.86
N LEU A 901 13.83 -4.61 -19.10
CA LEU A 901 14.46 -3.45 -18.58
C LEU A 901 14.73 -2.41 -19.67
N GLY A 902 13.84 -2.37 -20.68
CA GLY A 902 13.87 -1.37 -21.75
C GLY A 902 14.26 -1.86 -23.12
N PHE A 903 13.92 -3.10 -23.45
CA PHE A 903 14.29 -3.61 -24.75
C PHE A 903 13.38 -2.93 -25.75
N ASN A 904 13.92 -2.66 -26.94
CA ASN A 904 13.19 -2.06 -28.07
C ASN A 904 12.83 -0.61 -27.83
N THR A 905 11.88 -0.37 -26.92
CA THR A 905 11.51 0.99 -26.56
C THR A 905 12.01 1.24 -25.12
N PRO A 906 12.32 2.50 -24.84
CA PRO A 906 12.87 2.85 -23.52
C PRO A 906 11.84 2.77 -22.38
N THR A 907 12.33 2.49 -21.18
CA THR A 907 11.59 2.81 -19.99
C THR A 907 11.61 4.32 -19.83
N LYS A 908 11.29 4.80 -18.62
CA LYS A 908 11.43 6.22 -18.33
C LYS A 908 12.91 6.64 -18.36
N TYR A 909 13.80 5.68 -18.12
CA TYR A 909 15.20 5.97 -17.85
C TYR A 909 16.13 5.71 -19.03
N GLY A 910 15.71 4.80 -19.91
CA GLY A 910 16.41 4.52 -21.15
C GLY A 910 16.11 3.14 -21.72
N THR A 911 16.88 2.74 -22.72
CA THR A 911 16.85 1.35 -23.23
C THR A 911 17.74 0.44 -22.43
N ASP A 912 17.68 -0.85 -22.76
CA ASP A 912 18.59 -1.81 -22.19
C ASP A 912 20.08 -1.50 -22.54
N GLY A 913 20.32 -1.07 -23.78
CA GLY A 913 21.62 -0.57 -24.19
C GLY A 913 22.05 0.64 -23.34
N ASP A 914 21.14 1.57 -23.11
CA ASP A 914 21.50 2.74 -22.27
C ASP A 914 21.84 2.31 -20.87
N LEU A 915 21.09 1.36 -20.35
CA LEU A 915 21.39 0.87 -19.02
C LEU A 915 22.78 0.21 -18.90
N ARG A 916 23.12 -0.64 -19.87
CA ARG A 916 24.46 -1.25 -19.84
C ARG A 916 25.55 -0.16 -19.88
N ALA A 917 25.38 0.79 -20.78
CA ALA A 917 26.32 1.87 -20.85
C ALA A 917 26.43 2.61 -19.52
N THR A 918 25.32 2.79 -18.80
CA THR A 918 25.38 3.49 -17.51
C THR A 918 26.12 2.69 -16.45
N ILE A 919 25.83 1.40 -16.40
CA ILE A 919 26.47 0.53 -15.41
C ILE A 919 27.98 0.49 -15.67
N GLN A 920 28.34 0.45 -16.92
CA GLN A 920 29.75 0.44 -17.29
C GLN A 920 30.41 1.79 -16.94
N ALA A 921 29.76 2.90 -17.26
CA ALA A 921 30.38 4.19 -16.89
C ALA A 921 30.60 4.27 -15.39
N LEU A 922 29.61 3.87 -14.61
CA LEU A 922 29.73 3.96 -13.15
C LEU A 922 30.84 3.08 -12.63
N HIS A 923 30.98 1.89 -13.17
CA HIS A 923 32.05 0.99 -12.74
C HIS A 923 33.41 1.55 -13.07
N HIS A 924 33.52 2.11 -14.27
CA HIS A 924 34.79 2.67 -14.71
C HIS A 924 35.11 3.92 -13.92
N ALA A 925 34.11 4.52 -13.27
CA ALA A 925 34.35 5.61 -12.33
C ALA A 925 34.38 5.11 -10.90
N ASN A 926 34.61 3.80 -10.75
CA ASN A 926 34.87 3.16 -9.45
C ASN A 926 33.68 3.20 -8.47
N MET A 927 32.48 2.93 -8.97
CA MET A 927 31.32 2.79 -8.14
C MET A 927 30.69 1.42 -8.34
N GLN A 928 30.10 0.89 -7.28
CA GLN A 928 29.17 -0.24 -7.37
C GLN A 928 27.86 0.28 -7.85
N VAL A 929 27.04 -0.61 -8.41
CA VAL A 929 25.69 -0.25 -8.84
C VAL A 929 24.66 -1.23 -8.31
N MET A 930 23.60 -0.66 -7.71
CA MET A 930 22.59 -1.38 -6.96
C MET A 930 21.33 -1.58 -7.78
N ALA A 931 20.92 -2.84 -7.82
CA ALA A 931 19.69 -3.26 -8.44
C ALA A 931 18.58 -3.24 -7.41
N ASP A 932 17.49 -2.57 -7.72
CA ASP A 932 16.38 -2.47 -6.80
C ASP A 932 15.47 -3.65 -7.04
N VAL A 933 15.54 -4.60 -6.12
CA VAL A 933 14.86 -5.86 -6.27
C VAL A 933 13.47 -5.78 -5.64
N VAL A 934 12.44 -5.90 -6.49
CA VAL A 934 11.04 -5.77 -6.11
C VAL A 934 10.33 -7.15 -6.21
N ASP A 935 10.49 -8.00 -5.19
CA ASP A 935 9.86 -9.31 -5.15
C ASP A 935 8.40 -9.25 -4.72
N ASN A 936 7.92 -8.11 -4.22
CA ASN A 936 6.65 -8.13 -3.55
C ASN A 936 5.41 -8.32 -4.43
N GLN A 937 5.35 -7.61 -5.56
CA GLN A 937 4.17 -7.63 -6.41
C GLN A 937 4.42 -7.49 -7.91
N VAL A 938 3.34 -7.67 -8.68
CA VAL A 938 3.32 -7.52 -10.14
C VAL A 938 2.00 -6.83 -10.47
N TYR A 939 1.98 -6.00 -11.53
CA TYR A 939 0.79 -5.26 -11.89
C TYR A 939 0.20 -5.67 -13.21
N ASN A 940 -1.10 -5.44 -13.37
CA ASN A 940 -1.73 -5.43 -14.70
C ASN A 940 -1.55 -6.74 -15.45
N LEU A 941 -2.05 -7.83 -14.87
CA LEU A 941 -2.05 -9.13 -15.48
C LEU A 941 -3.43 -9.29 -16.09
N PRO A 942 -3.56 -9.23 -17.42
CA PRO A 942 -4.88 -9.20 -18.04
C PRO A 942 -5.66 -10.54 -17.98
N GLY A 943 -5.00 -11.68 -17.90
CA GLY A 943 -5.70 -12.96 -17.93
C GLY A 943 -6.50 -13.23 -16.65
N LYS A 944 -7.71 -13.76 -16.79
CA LYS A 944 -8.60 -13.99 -15.66
C LYS A 944 -8.57 -15.41 -15.13
N GLU A 945 -8.75 -15.54 -13.81
CA GLU A 945 -8.91 -16.81 -13.12
C GLU A 945 -9.94 -16.66 -11.99
N VAL A 946 -10.33 -17.77 -11.41
CA VAL A 946 -11.27 -17.75 -10.29
C VAL A 946 -10.59 -18.34 -9.07
N VAL A 947 -10.65 -17.63 -7.94
CA VAL A 947 -10.00 -18.14 -6.74
C VAL A 947 -10.76 -17.69 -5.53
N SER A 948 -10.73 -18.47 -4.48
CA SER A 948 -11.35 -18.10 -3.22
C SER A 948 -10.65 -16.89 -2.61
N ALA A 949 -11.44 -15.91 -2.14
CA ALA A 949 -10.93 -14.62 -1.64
C ALA A 949 -11.62 -14.12 -0.38
N THR A 950 -10.84 -13.56 0.55
CA THR A 950 -11.37 -12.90 1.73
C THR A 950 -10.74 -11.51 1.90
N ARG A 951 -11.48 -10.55 2.44
CA ARG A 951 -10.89 -9.25 2.65
C ARG A 951 -9.84 -9.34 3.71
N ALA A 952 -8.75 -8.64 3.49
CA ALA A 952 -7.58 -8.68 4.34
C ALA A 952 -6.84 -7.33 4.29
N GLY A 953 -6.14 -7.02 5.39
CA GLY A 953 -5.28 -5.83 5.48
C GLY A 953 -3.79 -6.15 5.24
N VAL A 954 -2.94 -5.14 5.41
CA VAL A 954 -1.52 -5.27 5.06
C VAL A 954 -0.82 -6.33 5.86
N IYR A 955 -1.33 -6.62 7.05
CA IYR A 955 -0.73 -7.61 7.93
CB IYR A 955 -1.16 -7.48 9.40
CC IYR A 955 -0.75 -6.13 9.94
CD IYR A 955 -1.62 -5.06 9.93
CE IYR A 955 -1.15 -3.87 10.42
IE IYR A 955 -2.14 -2.09 10.48
CF IYR A 955 0.19 -3.72 10.93
OF IYR A 955 0.55 -2.49 11.38
CG IYR A 955 1.01 -4.81 10.93
CH IYR A 955 0.54 -6.01 10.44
C IYR A 955 -1.01 -9.02 7.45
O IYR A 955 -0.44 -9.96 7.94
N GLY A 956 -1.87 -9.18 6.45
CA GLY A 956 -2.29 -10.50 6.05
C GLY A 956 -3.43 -10.99 6.94
N ASN A 957 -3.87 -10.14 7.87
CA ASN A 957 -5.05 -10.41 8.73
C ASN A 957 -6.38 -10.42 7.92
N ASP A 958 -7.20 -11.44 8.15
CA ASP A 958 -8.58 -11.42 7.64
C ASP A 958 -9.33 -10.23 8.22
N ASP A 959 -9.97 -9.45 7.36
CA ASP A 959 -10.90 -8.43 7.83
C ASP A 959 -12.28 -9.09 7.95
N ALA A 960 -13.05 -8.58 8.89
CA ALA A 960 -14.36 -9.14 9.20
C ALA A 960 -15.37 -8.26 8.51
N THR A 961 -15.75 -8.66 7.30
CA THR A 961 -16.62 -7.81 6.44
C THR A 961 -17.72 -8.62 5.81
N GLY A 962 -18.75 -7.91 5.38
CA GLY A 962 -19.90 -8.48 4.68
C GLY A 962 -19.56 -9.30 3.44
N PHE A 963 -18.40 -9.06 2.83
CA PHE A 963 -17.93 -9.80 1.67
C PHE A 963 -17.79 -11.27 2.01
N GLY A 964 -17.38 -11.55 3.25
CA GLY A 964 -17.12 -12.93 3.70
C GLY A 964 -15.96 -13.53 2.96
N THR A 965 -16.15 -14.76 2.51
CA THR A 965 -15.22 -15.47 1.65
C THR A 965 -15.99 -15.96 0.42
N GLN A 966 -15.52 -15.62 -0.77
CA GLN A 966 -16.26 -15.90 -2.01
C GLN A 966 -15.28 -16.30 -3.04
N LEU A 967 -15.71 -17.11 -4.00
CA LEU A 967 -14.95 -17.20 -5.23
C LEU A 967 -15.02 -15.87 -5.97
N TYR A 968 -13.88 -15.49 -6.57
CA TYR A 968 -13.67 -14.16 -7.13
C TYR A 968 -12.91 -14.28 -8.46
N VAL A 969 -13.30 -13.46 -9.42
CA VAL A 969 -12.55 -13.37 -10.68
C VAL A 969 -11.44 -12.35 -10.55
N THR A 970 -10.23 -12.86 -10.69
CA THR A 970 -9.02 -12.10 -10.44
C THR A 970 -8.30 -11.88 -11.76
N ASN A 971 -7.51 -10.80 -11.80
CA ASN A 971 -6.68 -10.46 -12.97
C ASN A 971 -5.26 -10.91 -12.67
N SER A 972 -4.99 -12.20 -12.91
CA SER A 972 -3.92 -12.86 -12.30
C SER A 972 -2.97 -13.56 -13.24
N VAL A 973 -3.24 -13.52 -14.55
CA VAL A 973 -2.45 -14.24 -15.51
C VAL A 973 -1.84 -13.29 -16.52
N GLY A 974 -0.52 -13.37 -16.65
CA GLY A 974 0.22 -12.57 -17.63
C GLY A 974 1.71 -12.48 -17.28
N GLY A 975 2.36 -11.48 -17.84
CA GLY A 975 3.76 -11.26 -17.56
C GLY A 975 4.38 -10.50 -18.71
N GLY A 976 4.75 -11.19 -19.77
CA GLY A 976 5.23 -10.49 -20.94
C GLY A 976 6.29 -11.30 -21.60
N GLN A 977 6.77 -10.76 -22.70
CA GLN A 977 7.70 -11.45 -23.58
C GLN A 977 9.00 -11.91 -22.90
N TYR A 978 9.54 -11.07 -22.02
CA TYR A 978 10.90 -11.28 -21.48
C TYR A 978 10.92 -12.20 -20.31
N GLN A 979 9.85 -12.17 -19.54
CA GLN A 979 9.63 -13.22 -18.61
C GLN A 979 9.52 -14.57 -19.29
N GLU A 980 8.83 -14.63 -20.43
CA GLU A 980 8.63 -15.92 -21.13
C GLU A 980 9.99 -16.41 -21.54
N LYS A 981 10.80 -15.45 -22.01
CA LYS A 981 12.15 -15.75 -22.45
C LYS A 981 13.12 -16.18 -21.33
N TYR A 982 13.17 -15.44 -20.24
CA TYR A 982 14.26 -15.65 -19.28
C TYR A 982 13.90 -16.37 -18.01
N ALA A 983 12.62 -16.42 -17.65
CA ALA A 983 12.27 -17.02 -16.36
C ALA A 983 12.61 -18.50 -16.33
N GLY A 984 13.21 -18.93 -15.25
CA GLY A 984 13.56 -20.29 -15.05
C GLY A 984 14.76 -20.77 -15.86
N GLN A 985 15.29 -19.93 -16.74
CA GLN A 985 16.31 -20.40 -17.67
C GLN A 985 17.63 -20.73 -17.03
N TYR A 986 17.95 -20.17 -15.87
CA TYR A 986 19.28 -20.33 -15.26
C TYR A 986 19.27 -21.32 -14.13
N LEU A 987 18.11 -21.82 -13.80
CA LEU A 987 18.02 -22.64 -12.58
C LEU A 987 18.86 -23.92 -12.61
N GLU A 988 18.84 -24.65 -13.72
CA GLU A 988 19.62 -25.87 -13.79
C GLU A 988 21.09 -25.52 -13.61
N ALA A 989 21.52 -24.41 -14.20
CA ALA A 989 22.93 -23.99 -14.09
C ALA A 989 23.28 -23.60 -12.66
N LEU A 990 22.45 -22.76 -12.04
CA LEU A 990 22.60 -22.43 -10.59
C LEU A 990 22.61 -23.65 -9.70
N LYS A 991 21.73 -24.60 -9.97
CA LYS A 991 21.71 -25.83 -9.18
C LYS A 991 23.02 -26.62 -9.30
N ALA A 992 23.60 -26.66 -10.49
CA ALA A 992 24.90 -27.33 -10.71
C ALA A 992 26.04 -26.63 -9.98
N LYS A 993 25.97 -25.31 -9.98
CA LYS A 993 27.04 -24.46 -9.48
C LYS A 993 26.89 -24.19 -7.99
N TYR A 994 25.66 -24.02 -7.52
CA TYR A 994 25.41 -23.67 -6.12
C TYR A 994 24.28 -24.57 -5.59
N PRO A 995 24.50 -25.89 -5.55
CA PRO A 995 23.44 -26.81 -5.11
C PRO A 995 22.79 -26.43 -3.79
N ASP A 996 23.57 -25.83 -2.90
CA ASP A 996 23.12 -25.57 -1.55
C ASP A 996 21.87 -24.70 -1.52
N LEU A 997 21.72 -23.85 -2.55
CA LEU A 997 20.60 -22.90 -2.60
C LEU A 997 19.28 -23.60 -2.86
N PHE A 998 19.37 -24.80 -3.44
CA PHE A 998 18.20 -25.57 -3.74
C PHE A 998 17.77 -26.51 -2.66
N GLU A 999 18.57 -26.58 -1.60
CA GLU A 999 18.31 -27.44 -0.46
C GLU A 999 17.51 -26.68 0.59
N GLY A 1000 16.90 -27.42 1.49
CA GLY A 1000 16.30 -26.87 2.69
C GLY A 1000 17.41 -26.55 3.64
N LYS A 1001 17.12 -25.72 4.62
CA LYS A 1001 18.10 -25.20 5.51
C LYS A 1001 17.48 -24.52 6.74
N ALA A 1002 18.03 -24.85 7.91
CA ALA A 1002 17.70 -24.21 9.16
C ALA A 1002 18.42 -22.87 9.29
N TYR A 1003 17.74 -21.88 9.84
CA TYR A 1003 18.31 -20.56 10.06
C TYR A 1003 17.68 -19.81 11.23
N ASP A 1004 18.39 -18.80 11.70
CA ASP A 1004 17.91 -17.93 12.79
C ASP A 1004 17.63 -16.54 12.33
N TYR A 1005 16.82 -15.82 13.09
CA TYR A 1005 16.58 -14.43 12.80
C TYR A 1005 15.97 -13.75 14.03
N TRP A 1006 16.15 -12.45 14.13
CA TRP A 1006 15.52 -11.64 15.18
C TRP A 1006 14.06 -11.32 14.91
N IYR A 1007 13.22 -11.46 15.92
CA IYR A 1007 11.77 -11.27 15.83
CB IYR A 1007 11.15 -12.60 16.31
CC IYR A 1007 9.63 -12.75 16.25
CD IYR A 1007 9.14 -13.83 15.50
CE IYR A 1007 7.77 -14.10 15.39
IE IYR A 1007 7.17 -15.75 14.21
CF IYR A 1007 6.83 -13.20 16.12
OF IYR A 1007 5.47 -13.40 16.07
CG IYR A 1007 7.35 -12.14 16.88
CH IYR A 1007 8.74 -11.92 16.95
C IYR A 1007 11.41 -10.12 16.74
O IYR A 1007 11.73 -10.10 17.91
N LYS A 1008 10.77 -9.12 16.19
CA LYS A 1008 10.40 -7.95 16.94
C LYS A 1008 9.05 -8.17 17.65
N ASN A 1009 9.04 -8.20 18.98
CA ASN A 1009 7.82 -8.38 19.75
C ASN A 1009 7.37 -7.05 20.30
N IYR A 1010 6.10 -6.72 20.10
CA IYR A 1010 5.51 -5.49 20.65
CB IYR A 1010 4.41 -4.93 19.77
CC IYR A 1010 5.04 -4.46 18.49
CD IYR A 1010 5.39 -3.14 18.39
CE IYR A 1010 5.98 -2.70 17.21
IE IYR A 1010 6.48 -0.68 17.12
CF IYR A 1010 6.21 -3.66 16.09
OF IYR A 1010 6.79 -3.30 14.91
CG IYR A 1010 5.86 -4.98 16.25
CH IYR A 1010 5.26 -5.36 17.44
C IYR A 1010 4.92 -5.88 21.97
O IYR A 1010 4.28 -6.92 22.06
N ALA A 1011 5.14 -5.09 23.01
CA ALA A 1011 4.50 -5.36 24.29
C ALA A 1011 3.23 -4.51 24.34
N ASN A 1012 2.08 -5.12 24.66
CA ASN A 1012 0.81 -4.36 24.77
C ASN A 1012 0.82 -3.36 25.95
N ASP A 1013 1.68 -3.64 26.95
CA ASP A 1013 1.81 -2.79 28.17
C ASP A 1013 2.35 -1.37 27.98
N GLY A 1014 2.61 -0.96 26.72
CA GLY A 1014 3.03 0.41 26.42
C GLY A 1014 4.54 0.66 26.40
N SER A 1015 5.34 -0.31 26.87
CA SER A 1015 6.79 -0.17 26.84
C SER A 1015 7.37 -0.47 25.42
N ASN A 1016 8.70 -0.49 25.31
CA ASN A 1016 9.34 -0.65 24.02
C ASN A 1016 9.32 -2.08 23.51
N PRO A 1017 9.34 -2.21 22.19
CA PRO A 1017 9.47 -3.51 21.56
C PRO A 1017 10.77 -4.20 21.90
N TYR A 1018 10.86 -5.51 21.73
CA TYR A 1018 12.04 -6.22 22.19
C TYR A 1018 12.23 -7.39 21.24
N TYR A 1019 13.47 -7.87 21.15
CA TYR A 1019 13.87 -8.79 20.11
C TYR A 1019 14.14 -10.17 20.69
N THR A 1020 13.63 -11.22 20.06
CA THR A 1020 13.91 -12.61 20.46
C THR A 1020 14.42 -13.38 19.27
N LEU A 1021 15.12 -14.45 19.52
CA LEU A 1021 15.72 -15.20 18.44
C LEU A 1021 14.74 -16.27 17.95
N SER A 1022 14.17 -16.09 16.77
CA SER A 1022 13.38 -17.14 16.15
C SER A 1022 14.22 -18.05 15.24
N HIS A 1023 13.68 -19.21 14.94
CA HIS A 1023 14.28 -20.16 14.02
C HIS A 1023 13.42 -20.29 12.78
N GLY A 1024 14.05 -20.46 11.60
CA GLY A 1024 13.31 -20.72 10.36
C GLY A 1024 13.83 -22.02 9.77
N ASP A 1025 13.05 -22.67 8.92
CA ASP A 1025 13.51 -23.82 8.14
C ASP A 1025 12.94 -23.63 6.76
N ARG A 1026 13.76 -23.19 5.81
CA ARG A 1026 13.33 -23.03 4.43
C ARG A 1026 13.27 -24.42 3.81
N GLU A 1027 12.42 -24.57 2.80
CA GLU A 1027 12.22 -25.82 2.08
C GLU A 1027 13.21 -25.98 0.96
N SER A 1028 13.37 -27.20 0.49
CA SER A 1028 14.09 -27.43 -0.74
C SER A 1028 13.20 -26.88 -1.83
N ILE A 1029 13.78 -26.66 -3.01
CA ILE A 1029 13.08 -26.03 -4.14
C ILE A 1029 13.60 -26.64 -5.44
N PRO A 1030 12.74 -26.70 -6.44
CA PRO A 1030 13.06 -27.34 -7.69
C PRO A 1030 13.71 -26.40 -8.68
N ALA A 1031 14.41 -26.99 -9.64
CA ALA A 1031 15.08 -26.24 -10.67
C ALA A 1031 14.46 -26.35 -12.05
N ASP A 1032 13.29 -26.98 -12.14
CA ASP A 1032 12.77 -27.49 -13.43
C ASP A 1032 11.35 -27.08 -13.68
N VAL A 1033 10.86 -26.11 -12.91
CA VAL A 1033 9.55 -25.56 -13.13
C VAL A 1033 9.72 -24.05 -13.30
N ALA A 1034 9.64 -23.60 -14.55
CA ALA A 1034 9.73 -22.19 -14.84
C ALA A 1034 8.38 -21.48 -14.70
N ILE A 1035 8.43 -20.21 -14.29
CA ILE A 1035 7.24 -19.39 -14.26
C ILE A 1035 7.33 -18.45 -15.46
N LYS A 1036 6.98 -18.98 -16.63
CA LYS A 1036 6.99 -18.23 -17.86
C LYS A 1036 5.91 -17.18 -17.81
N GLN A 1037 4.86 -17.42 -17.02
CA GLN A 1037 3.84 -16.39 -16.74
C GLN A 1037 3.24 -16.64 -15.36
N TRP A 1038 2.81 -15.55 -14.74
CA TRP A 1038 2.21 -15.63 -13.43
C TRP A 1038 0.82 -16.17 -13.58
N SER A 1039 0.31 -16.71 -12.48
CA SER A 1039 -1.07 -17.10 -12.33
C SER A 1039 -1.32 -17.09 -10.80
N ALA A 1040 -2.58 -17.28 -10.40
CA ALA A 1040 -3.03 -17.05 -9.04
C ALA A 1040 -2.45 -18.02 -8.02
N LYS A 1041 -2.09 -19.21 -8.47
CA LYS A 1041 -1.50 -20.19 -7.57
C LYS A 1041 -0.15 -19.77 -7.06
N TYR A 1042 0.46 -18.82 -7.76
CA TYR A 1042 1.74 -18.26 -7.31
C TYR A 1042 1.60 -16.93 -6.57
N MET A 1043 0.36 -16.50 -6.27
CA MET A 1043 0.08 -15.23 -5.58
C MET A 1043 -0.63 -15.37 -4.25
N ASN A 1044 -0.37 -14.42 -3.37
CA ASN A 1044 -1.05 -14.37 -2.09
C ASN A 1044 -2.45 -13.76 -2.18
N GLY A 1045 -2.62 -12.85 -3.15
CA GLY A 1045 -3.83 -12.05 -3.18
C GLY A 1045 -3.68 -10.92 -4.17
N THR A 1046 -4.60 -9.97 -4.09
CA THR A 1046 -4.69 -8.87 -5.02
C THR A 1046 -5.36 -7.72 -4.31
N ASN A 1047 -5.14 -6.52 -4.81
CA ASN A 1047 -5.90 -5.36 -4.33
C ASN A 1047 -7.37 -5.60 -4.76
N VAL A 1048 -8.31 -5.11 -3.97
CA VAL A 1048 -9.70 -5.19 -4.38
C VAL A 1048 -9.94 -4.69 -5.83
N LEU A 1049 -10.75 -5.43 -6.58
CA LEU A 1049 -11.05 -5.10 -7.98
C LEU A 1049 -12.42 -4.50 -8.22
N GLY A 1050 -13.33 -4.56 -7.24
CA GLY A 1050 -14.64 -3.94 -7.42
C GLY A 1050 -15.69 -4.76 -8.19
N ASN A 1051 -15.42 -6.06 -8.45
CA ASN A 1051 -16.40 -6.95 -9.10
C ASN A 1051 -17.60 -7.30 -8.21
N GLY A 1052 -17.39 -7.32 -6.89
CA GLY A 1052 -18.44 -7.57 -5.91
C GLY A 1052 -18.41 -8.98 -5.35
N MET A 1053 -19.13 -9.20 -4.24
CA MET A 1053 -19.14 -10.51 -3.59
C MET A 1053 -19.81 -11.63 -4.41
N GLY A 1054 -20.74 -11.26 -5.29
CA GLY A 1054 -21.51 -12.25 -6.02
C GLY A 1054 -21.31 -12.26 -7.53
N TYR A 1055 -20.20 -11.70 -8.02
CA TYR A 1055 -19.91 -11.71 -9.46
C TYR A 1055 -19.76 -13.15 -9.96
N VAL A 1056 -19.09 -14.02 -9.22
CA VAL A 1056 -19.12 -15.44 -9.56
C VAL A 1056 -20.45 -15.98 -9.04
N LEU A 1057 -21.18 -16.68 -9.91
CA LEU A 1057 -22.60 -16.91 -9.64
C LEU A 1057 -22.70 -18.16 -8.85
N LYS A 1058 -23.51 -18.08 -7.80
CA LYS A 1058 -23.92 -19.28 -7.09
C LYS A 1058 -25.36 -19.17 -6.61
N ASP A 1059 -25.87 -20.31 -6.11
CA ASP A 1059 -27.14 -20.38 -5.43
C ASP A 1059 -26.89 -19.97 -3.99
N TRP A 1060 -27.40 -18.79 -3.62
CA TRP A 1060 -27.23 -18.21 -2.30
C TRP A 1060 -28.11 -18.82 -1.20
N HIS A 1061 -29.06 -19.71 -1.54
CA HIS A 1061 -29.85 -20.45 -0.54
C HIS A 1061 -28.99 -21.49 0.13
N ASN A 1062 -28.21 -22.22 -0.67
CA ASN A 1062 -27.37 -23.31 -0.13
C ASN A 1062 -25.83 -23.15 -0.38
N GLY A 1063 -25.47 -22.09 -1.11
CA GLY A 1063 -24.09 -21.66 -1.27
C GLY A 1063 -23.26 -22.43 -2.27
N GLN A 1064 -23.91 -23.13 -3.21
CA GLN A 1064 -23.21 -23.93 -4.19
C GLN A 1064 -23.00 -23.17 -5.49
N TYR A 1065 -21.78 -23.22 -5.94
CA TYR A 1065 -21.39 -22.56 -7.15
C TYR A 1065 -21.86 -23.28 -8.40
N PHE A 1066 -22.22 -22.53 -9.42
CA PHE A 1066 -22.44 -23.16 -10.70
C PHE A 1066 -21.08 -23.44 -11.33
N LYS A 1067 -20.89 -24.65 -11.85
CA LYS A 1067 -19.64 -25.03 -12.47
C LYS A 1067 -19.91 -25.97 -13.63
N LEU A 1068 -19.37 -25.63 -14.80
CA LEU A 1068 -19.57 -26.38 -16.00
C LEU A 1068 -18.72 -27.62 -16.04
N ASP A 1069 -18.98 -28.47 -17.03
CA ASP A 1069 -18.24 -29.72 -17.24
C ASP A 1069 -16.87 -29.50 -17.87
CA CA B . 3.81 -9.52 -0.03
C2 BGC C . 12.47 2.96 9.33
C3 BGC C . 13.59 3.44 10.29
C4 BGC C . 13.05 3.71 11.68
C5 BGC C . 12.05 2.65 12.20
C6 BGC C . 11.27 3.21 13.41
C1 BGC C . 11.62 1.87 10.00
O1 BGC C . 10.57 1.62 9.13
O2 BGC C . 12.98 2.51 8.08
O3 BGC C . 14.14 4.66 9.82
O4 BGC C . 14.17 3.85 12.53
O5 BGC C . 11.09 2.24 11.26
O6 BGC C . 11.14 2.15 14.34
C1 GLC D . -19.28 -9.04 24.00
C2 GLC D . -19.93 -9.46 22.71
C3 GLC D . -20.12 -8.34 21.74
C4 GLC D . -20.51 -7.08 22.43
C5 GLC D . -19.63 -6.76 23.58
C6 GLC D . -20.36 -5.62 24.25
O1 GLC D . -17.91 -9.22 24.00
O2 GLC D . -19.18 -10.47 22.10
O3 GLC D . -21.16 -8.73 20.92
O4 GLC D . -20.47 -5.97 21.61
O5 GLC D . -19.64 -7.80 24.49
O6 GLC D . -19.94 -5.57 25.57
C2 BGC E . -32.17 -14.59 -33.21
C3 BGC E . -31.50 -14.10 -34.48
C4 BGC E . -30.34 -13.22 -34.03
C5 BGC E . -29.33 -14.08 -33.26
C6 BGC E . -28.07 -13.31 -32.86
C1 BGC E . -31.16 -15.40 -32.39
O1 BGC E . -31.75 -15.78 -31.16
O2 BGC E . -33.33 -15.32 -33.57
O3 BGC E . -32.45 -13.42 -35.27
O4 BGC E . -29.77 -12.57 -35.14
O5 BGC E . -29.98 -14.63 -32.11
O6 BGC E . -27.75 -13.50 -31.49
C2 BGC F . -25.52 -2.72 4.16
C3 BGC F . -24.14 -2.06 4.32
C4 BGC F . -23.75 -1.22 3.06
C5 BGC F . -24.91 -0.33 2.60
C6 BGC F . -24.59 0.58 1.39
C1 BGC F . -26.55 -1.74 3.55
O1 BGC F . -27.78 -2.44 3.40
O2 BGC F . -26.00 -3.21 5.41
O3 BGC F . -23.25 -3.11 4.64
O4 BGC F . -22.65 -0.36 3.28
O5 BGC F . -26.02 -1.18 2.34
O6 BGC F . -24.51 -0.12 0.17
C2 BGC G . 8.70 1.61 -2.57
C3 BGC G . 7.67 2.66 -3.07
C4 BGC G . 6.53 1.90 -3.75
C5 BGC G . 5.90 0.77 -2.89
C6 BGC G . 5.23 -0.31 -3.78
C1 BGC G . 7.93 0.79 -1.50
O1 BGC G . 8.71 -0.23 -0.99
O2 BGC G . 9.87 2.19 -2.06
O3 BGC G . 8.19 3.67 -3.93
O4 BGC G . 5.59 2.85 -4.19
O5 BGC G . 6.86 0.07 -2.06
O6 BGC G . 6.18 -1.32 -4.21
C2 BGC H . 35.31 -0.83 -1.48
C3 BGC H . 36.40 -0.25 -2.39
C4 BGC H . 35.75 0.12 -3.74
C5 BGC H . 34.32 0.75 -3.65
C6 BGC H . 33.37 0.40 -4.81
C1 BGC H . 34.42 0.40 -1.34
O1 BGC H . 33.68 0.39 -0.18
O2 BGC H . 35.72 -1.34 -0.24
O3 BGC H . 37.41 -1.17 -2.57
O4 BGC H . 36.65 0.98 -4.42
O5 BGC H . 33.60 0.34 -2.48
O6 BGC H . 33.59 1.13 -5.97
C2 BGC I . -22.73 -12.38 -25.80
C3 BGC I . -23.12 -13.33 -26.90
C4 BGC I . -24.30 -12.71 -27.65
C5 BGC I . -23.94 -11.26 -28.07
C6 BGC I . -25.07 -10.44 -28.65
C1 BGC I . -22.33 -11.07 -26.41
O1 BGC I . -21.75 -10.19 -25.46
O2 BGC I . -21.63 -12.90 -25.14
O3 BGC I . -23.48 -14.60 -26.37
O4 BGC I . -24.56 -13.60 -28.71
O5 BGC I . -23.51 -10.52 -26.93
O6 BGC I . -24.66 -9.10 -28.85
C2 BGC J . -42.62 -11.15 1.47
C3 BGC J . -42.64 -11.97 0.18
C4 BGC J . -43.90 -12.83 0.12
C5 BGC J . -45.12 -11.94 0.40
C6 BGC J . -46.51 -12.63 0.39
C1 BGC J . -43.92 -10.38 1.66
O1 BGC J . -44.00 -9.77 2.92
O2 BGC J . -41.61 -10.21 1.40
O3 BGC J . -41.51 -12.79 0.16
O4 BGC J . -44.01 -13.45 -1.15
O5 BGC J . -44.97 -11.30 1.66
O6 BGC J . -46.66 -13.59 1.41
C2 BGC K . 7.75 -9.97 13.64
C3 BGC K . 8.90 -10.00 12.60
C4 BGC K . 9.00 -11.39 11.94
C5 BGC K . 7.66 -12.01 11.54
C6 BGC K . 7.88 -13.46 11.21
C1 BGC K . 6.47 -10.65 13.10
O1 BGC K . 5.64 -10.90 14.20
O2 BGC K . 7.53 -8.59 14.00
O3 BGC K . 10.13 -9.41 13.09
O4 BGC K . 9.78 -11.33 10.75
O5 BGC K . 6.64 -11.91 12.47
O6 BGC K . 6.65 -14.08 10.98
C2 BGC L . 35.40 2.73 -23.21
C3 BGC L . 36.08 3.86 -22.47
C4 BGC L . 35.12 4.39 -21.37
C5 BGC L . 34.17 3.37 -20.67
C6 BGC L . 32.80 3.93 -20.26
C1 BGC L . 35.04 1.74 -22.11
O1 BGC L . 34.81 0.51 -22.72
O2 BGC L . 36.22 2.16 -24.21
O3 BGC L . 36.46 4.86 -23.39
O4 BGC L . 35.94 5.04 -20.43
O5 BGC L . 33.89 2.25 -21.48
O6 BGC L . 32.94 4.98 -19.34
C1 PEG M . -26.97 -22.45 -14.23
O1 PEG M . -28.36 -22.19 -13.93
C2 PEG M . -26.65 -23.93 -14.50
O2 PEG M . -25.24 -24.20 -14.31
C3 PEG M . -24.89 -25.60 -14.14
C4 PEG M . -23.68 -25.84 -13.24
O4 PEG M . -23.90 -26.42 -11.92
#